data_4IIX
#
_entry.id   4IIX
#
_cell.length_a   54.435
_cell.length_b   85.730
_cell.length_c   72.983
_cell.angle_alpha   90.000
_cell.angle_beta   101.240
_cell.angle_gamma   90.000
#
_symmetry.space_group_name_H-M   'P 1 21 1'
#
loop_
_entity.id
_entity.type
_entity.pdbx_description
1 polymer MccF
2 non-polymer "5'-O-(L-alpha-glutamylsulfamoyl)guanosine"
3 non-polymer 1,2-ETHANEDIOL
4 water water
#
_entity_poly.entity_id   1
_entity_poly.type   'polypeptide(L)'
_entity_poly.pdbx_seq_one_letter_code
;MGHHHHHHHHHHHHSSGHIDDDDKHMLEMIQSHPLLAAPLAVGDTIGFFSSSAPATVTAKNRFFRGVEFLQRKGFKLVSG
KLTGKTDFYRSGTIKERAQEFNELVYNPDITCIMSTIGGDNSNSLLPFLDYDAIIANPKIIIGYADTTALLAGIYAKTGL
ITFYGPALIPSFGEHPPLVDITYESFIKILTRKQSGIYTYTLPEKWSDESINWNENKILRPKKLYKNNCAFYGSGKVEGR
VIGGNLNTLTGIWGSEWMPEIRNGDILFIEDSRKSIATVERLFSMLKLNRVFDKVSAIILGKHELFDCAGSKRRPYEVLT
EVLDGKQIPVLDGFDCSHTHPMLTLPLGVKLAIDFDNKNISITEQYLSTEK
;
_entity_poly.pdbx_strand_id   A,B
#
loop_
_chem_comp.id
_chem_comp.type
_chem_comp.name
_chem_comp.formula
1EG non-polymer 5'-O-(L-alpha-glutamylsulfamoyl)guanosine 'C15 H21 N7 O10 S'
EDO non-polymer 1,2-ETHANEDIOL 'C2 H6 O2'
#
# COMPACT_ATOMS: atom_id res chain seq x y z
N PRO A 34 12.24 -21.14 17.91
CA PRO A 34 11.18 -20.15 18.10
C PRO A 34 10.43 -20.32 19.41
N LEU A 35 9.71 -19.28 19.80
CA LEU A 35 8.85 -19.31 20.97
C LEU A 35 7.53 -19.95 20.57
N LEU A 36 7.11 -20.97 21.31
CA LEU A 36 5.91 -21.74 20.98
C LEU A 36 4.82 -21.61 22.02
N ALA A 37 3.58 -21.47 21.55
CA ALA A 37 2.43 -21.44 22.43
C ALA A 37 2.00 -22.86 22.78
N ALA A 38 1.27 -23.00 23.89
CA ALA A 38 0.65 -24.27 24.23
C ALA A 38 -0.39 -24.64 23.17
N PRO A 39 -0.56 -25.94 22.91
CA PRO A 39 -1.51 -26.37 21.89
C PRO A 39 -2.96 -26.15 22.34
N LEU A 40 -3.87 -26.11 21.38
CA LEU A 40 -5.28 -25.99 21.66
C LEU A 40 -5.85 -27.36 22.01
N ALA A 41 -6.97 -27.35 22.74
CA ALA A 41 -7.70 -28.58 23.05
C ALA A 41 -9.19 -28.25 23.07
N VAL A 42 -9.99 -29.25 22.73
CA VAL A 42 -11.43 -29.12 22.87
C VAL A 42 -11.77 -28.63 24.27
N GLY A 43 -12.65 -27.64 24.36
CA GLY A 43 -13.07 -27.09 25.64
C GLY A 43 -12.29 -25.89 26.10
N ASP A 44 -11.22 -25.55 25.38
CA ASP A 44 -10.42 -24.38 25.72
C ASP A 44 -11.19 -23.06 25.56
N THR A 45 -10.61 -22.02 26.12
CA THR A 45 -11.13 -20.67 26.01
C THR A 45 -10.42 -19.88 24.92
N ILE A 46 -11.22 -19.30 24.03
CA ILE A 46 -10.75 -18.45 22.95
C ILE A 46 -11.21 -17.03 23.23
N GLY A 47 -10.28 -16.09 23.23
CA GLY A 47 -10.64 -14.68 23.35
C GLY A 47 -10.60 -14.01 22.00
N PHE A 48 -11.50 -13.08 21.73
CA PHE A 48 -11.47 -12.42 20.43
C PHE A 48 -11.36 -10.91 20.54
N PHE A 49 -10.72 -10.30 19.54
CA PHE A 49 -10.43 -8.87 19.56
C PHE A 49 -10.71 -8.28 18.19
N SER A 50 -10.99 -6.98 18.17
CA SER A 50 -11.27 -6.24 16.93
C SER A 50 -10.22 -5.15 16.75
N SER A 51 -9.14 -5.47 16.05
CA SER A 51 -8.02 -4.54 15.91
C SER A 51 -8.21 -3.53 14.79
N SER A 52 -9.30 -3.65 14.04
CA SER A 52 -9.56 -2.69 12.97
C SER A 52 -11.07 -2.48 12.78
N ALA A 53 -11.68 -3.11 11.79
CA ALA A 53 -13.09 -2.84 11.48
C ALA A 53 -14.02 -3.34 12.58
N PRO A 54 -15.08 -2.58 12.90
CA PRO A 54 -15.96 -2.94 14.02
C PRO A 54 -17.06 -3.91 13.61
N ALA A 55 -16.68 -5.06 13.05
CA ALA A 55 -17.67 -5.95 12.46
C ALA A 55 -18.53 -6.71 13.47
N THR A 56 -18.19 -6.68 14.75
CA THR A 56 -19.13 -7.24 15.74
C THR A 56 -20.42 -6.42 15.75
N VAL A 57 -20.36 -5.19 15.27
CA VAL A 57 -21.54 -4.36 15.09
C VAL A 57 -22.03 -4.39 13.64
N THR A 58 -21.12 -4.17 12.70
CA THR A 58 -21.54 -4.01 11.31
C THR A 58 -21.85 -5.33 10.59
N ALA A 59 -21.41 -6.46 11.15
CA ALA A 59 -21.74 -7.78 10.61
C ALA A 59 -22.20 -8.64 11.77
N LYS A 60 -23.14 -8.11 12.54
CA LYS A 60 -23.53 -8.72 13.80
C LYS A 60 -24.19 -10.08 13.62
N ASN A 61 -24.94 -10.27 12.55
CA ASN A 61 -25.57 -11.59 12.34
C ASN A 61 -24.51 -12.65 12.08
N ARG A 62 -23.56 -12.32 11.22
CA ARG A 62 -22.48 -13.25 10.91
C ARG A 62 -21.63 -13.51 12.16
N PHE A 63 -21.38 -12.46 12.94
CA PHE A 63 -20.68 -12.57 14.21
C PHE A 63 -21.38 -13.57 15.14
N PHE A 64 -22.69 -13.42 15.31
CA PHE A 64 -23.44 -14.34 16.17
C PHE A 64 -23.39 -15.78 15.65
N ARG A 65 -23.45 -15.95 14.34
CA ARG A 65 -23.34 -17.30 13.78
CA ARG A 65 -23.33 -17.28 13.74
C ARG A 65 -21.97 -17.90 14.06
N GLY A 66 -20.91 -17.11 13.94
CA GLY A 66 -19.56 -17.59 14.24
C GLY A 66 -19.39 -17.95 15.71
N VAL A 67 -19.91 -17.11 16.59
CA VAL A 67 -19.87 -17.38 18.03
C VAL A 67 -20.58 -18.71 18.33
N GLU A 68 -21.78 -18.86 17.80
CA GLU A 68 -22.54 -20.08 18.04
C GLU A 68 -21.81 -21.30 17.49
N PHE A 69 -21.19 -21.14 16.32
CA PHE A 69 -20.46 -22.23 15.70
C PHE A 69 -19.36 -22.76 16.63
N LEU A 70 -18.53 -21.87 17.16
CA LEU A 70 -17.45 -22.30 18.03
C LEU A 70 -17.94 -22.79 19.39
N GLN A 71 -18.99 -22.16 19.92
CA GLN A 71 -19.55 -22.65 21.18
C GLN A 71 -20.10 -24.07 21.04
N ARG A 72 -20.72 -24.38 19.91
CA ARG A 72 -21.26 -25.71 19.73
C ARG A 72 -20.15 -26.74 19.59
N LYS A 73 -18.94 -26.29 19.24
CA LYS A 73 -17.79 -27.17 19.19
C LYS A 73 -17.20 -27.37 20.59
N GLY A 74 -17.72 -26.64 21.57
CA GLY A 74 -17.28 -26.80 22.94
C GLY A 74 -16.35 -25.74 23.49
N PHE A 75 -16.03 -24.73 22.68
CA PHE A 75 -15.15 -23.67 23.13
C PHE A 75 -15.88 -22.66 24.01
N LYS A 76 -15.17 -22.15 25.01
CA LYS A 76 -15.65 -21.03 25.78
C LYS A 76 -15.08 -19.78 25.13
N LEU A 77 -15.88 -18.73 25.01
CA LEU A 77 -15.43 -17.51 24.36
C LEU A 77 -15.36 -16.35 25.33
N VAL A 78 -14.27 -15.59 25.25
CA VAL A 78 -14.14 -14.33 25.97
C VAL A 78 -14.17 -13.19 24.95
N SER A 79 -15.12 -12.29 25.11
CA SER A 79 -15.24 -11.15 24.20
C SER A 79 -14.31 -10.02 24.58
N GLY A 80 -13.54 -9.54 23.62
CA GLY A 80 -12.68 -8.40 23.86
C GLY A 80 -13.50 -7.18 24.22
N LYS A 81 -12.88 -6.24 24.92
CA LYS A 81 -13.61 -5.10 25.47
C LYS A 81 -14.17 -4.13 24.42
N LEU A 82 -13.77 -4.24 23.16
CA LEU A 82 -14.35 -3.37 22.11
C LEU A 82 -15.50 -4.03 21.35
N THR A 83 -15.87 -5.23 21.76
CA THR A 83 -17.00 -5.91 21.14
C THR A 83 -18.25 -5.03 21.29
N GLY A 84 -18.97 -4.83 20.20
CA GLY A 84 -20.19 -4.04 20.26
C GLY A 84 -19.99 -2.54 20.16
N LYS A 85 -18.74 -2.10 19.99
CA LYS A 85 -18.42 -0.67 19.91
C LYS A 85 -18.10 -0.24 18.49
N THR A 86 -18.32 1.04 18.20
CA THR A 86 -17.92 1.58 16.90
C THR A 86 -17.31 2.97 17.06
N ASP A 87 -16.26 3.22 16.28
CA ASP A 87 -15.71 4.55 16.07
C ASP A 87 -15.64 4.75 14.57
N PHE A 88 -16.81 4.80 13.94
CA PHE A 88 -16.93 4.96 12.50
C PHE A 88 -16.30 3.78 11.76
N TYR A 89 -15.07 3.95 11.28
CA TYR A 89 -14.42 2.95 10.43
C TYR A 89 -13.62 1.92 11.23
N ARG A 90 -13.55 2.10 12.55
CA ARG A 90 -12.73 1.23 13.39
C ARG A 90 -13.46 0.96 14.70
N SER A 91 -12.93 0.07 15.52
CA SER A 91 -13.57 -0.34 16.76
C SER A 91 -13.28 0.62 17.91
N GLY A 92 -12.22 1.42 17.79
CA GLY A 92 -11.83 2.33 18.86
C GLY A 92 -10.55 3.04 18.49
N THR A 93 -10.06 3.88 19.38
CA THR A 93 -8.80 4.56 19.13
C THR A 93 -7.66 3.55 19.03
N ILE A 94 -6.53 4.00 18.52
CA ILE A 94 -5.34 3.17 18.46
C ILE A 94 -5.04 2.56 19.82
N LYS A 95 -5.01 3.41 20.85
CA LYS A 95 -4.70 2.91 22.19
C LYS A 95 -5.76 1.98 22.76
N GLU A 96 -7.03 2.26 22.50
CA GLU A 96 -8.10 1.38 22.95
C GLU A 96 -7.93 -0.02 22.35
N ARG A 97 -7.59 -0.07 21.06
CA ARG A 97 -7.44 -1.35 20.38
C ARG A 97 -6.23 -2.12 20.91
N ALA A 98 -5.13 -1.42 21.16
CA ALA A 98 -3.98 -2.09 21.75
C ALA A 98 -4.33 -2.65 23.13
N GLN A 99 -5.05 -1.86 23.91
CA GLN A 99 -5.47 -2.29 25.25
C GLN A 99 -6.35 -3.53 25.16
N GLU A 100 -7.27 -3.55 24.21
CA GLU A 100 -8.17 -4.68 24.06
C GLU A 100 -7.36 -5.97 23.88
N PHE A 101 -6.37 -5.90 23.00
CA PHE A 101 -5.52 -7.06 22.72
C PHE A 101 -4.69 -7.44 23.94
N ASN A 102 -4.04 -6.44 24.56
CA ASN A 102 -3.21 -6.72 25.72
C ASN A 102 -4.00 -7.40 26.84
N GLU A 103 -5.24 -6.97 27.04
CA GLU A 103 -6.06 -7.53 28.09
C GLU A 103 -6.31 -9.02 27.89
N LEU A 104 -6.38 -9.46 26.64
CA LEU A 104 -6.53 -10.88 26.37
C LEU A 104 -5.23 -11.62 26.69
N VAL A 105 -4.10 -11.01 26.36
CA VAL A 105 -2.81 -11.60 26.69
C VAL A 105 -2.67 -11.79 28.20
N TYR A 106 -3.24 -10.86 28.99
CA TYR A 106 -3.10 -10.91 30.44
C TYR A 106 -4.01 -11.95 31.10
N ASN A 107 -4.94 -12.51 30.33
CA ASN A 107 -5.91 -13.44 30.89
C ASN A 107 -5.39 -14.87 30.86
N PRO A 108 -5.07 -15.44 32.04
CA PRO A 108 -4.40 -16.76 32.05
C PRO A 108 -5.31 -17.89 31.60
N ASP A 109 -6.61 -17.66 31.53
CA ASP A 109 -7.53 -18.70 31.11
C ASP A 109 -7.60 -18.86 29.59
N ILE A 110 -7.04 -17.90 28.86
CA ILE A 110 -7.17 -17.90 27.40
C ILE A 110 -6.03 -18.65 26.74
N THR A 111 -6.37 -19.61 25.87
CA THR A 111 -5.36 -20.36 25.14
C THR A 111 -5.12 -19.81 23.74
N CYS A 112 -6.16 -19.23 23.15
CA CYS A 112 -6.13 -18.73 21.79
C CYS A 112 -6.74 -17.36 21.72
N ILE A 113 -6.01 -16.44 21.09
CA ILE A 113 -6.47 -15.08 20.83
C ILE A 113 -6.74 -14.95 19.33
N MET A 114 -8.02 -14.73 18.99
CA MET A 114 -8.50 -14.80 17.62
C MET A 114 -9.07 -13.48 17.17
N SER A 115 -8.63 -13.02 16.02
CA SER A 115 -9.20 -11.82 15.42
C SER A 115 -10.67 -12.00 15.10
N THR A 116 -11.48 -10.96 15.31
CA THR A 116 -12.86 -11.01 14.81
C THR A 116 -12.92 -10.82 13.29
N ILE A 117 -12.11 -9.88 12.78
CA ILE A 117 -12.07 -9.51 11.38
C ILE A 117 -10.90 -8.55 11.20
N GLY A 118 -10.50 -8.33 9.96
CA GLY A 118 -9.44 -7.38 9.64
C GLY A 118 -9.97 -5.97 9.40
N GLY A 119 -9.52 -5.37 8.31
CA GLY A 119 -9.83 -3.98 8.00
C GLY A 119 -8.61 -3.34 7.36
N ASP A 120 -8.01 -2.39 8.05
CA ASP A 120 -6.92 -1.59 7.49
C ASP A 120 -5.92 -1.14 8.54
N ASN A 121 -6.26 -1.24 9.82
CA ASN A 121 -5.63 -0.39 10.83
C ASN A 121 -4.89 -1.08 11.96
N SER A 122 -4.67 -2.39 11.87
CA SER A 122 -4.00 -3.02 13.00
CA SER A 122 -3.97 -3.12 12.93
C SER A 122 -2.53 -2.63 13.13
N ASN A 123 -1.90 -2.18 12.04
CA ASN A 123 -0.51 -1.72 12.16
C ASN A 123 -0.36 -0.60 13.19
N SER A 124 -1.39 0.20 13.39
CA SER A 124 -1.32 1.29 14.36
C SER A 124 -1.00 0.80 15.77
N LEU A 125 -1.40 -0.42 16.09
CA LEU A 125 -1.31 -0.91 17.46
C LEU A 125 0.10 -1.28 17.86
N LEU A 126 0.98 -1.49 16.89
CA LEU A 126 2.25 -2.16 17.17
C LEU A 126 3.14 -1.50 18.23
N PRO A 127 3.20 -0.16 18.27
CA PRO A 127 4.05 0.43 19.32
C PRO A 127 3.51 0.22 20.73
N PHE A 128 2.27 -0.26 20.86
CA PHE A 128 1.56 -0.25 22.15
C PHE A 128 1.26 -1.65 22.68
N LEU A 129 1.64 -2.69 21.95
CA LEU A 129 1.40 -4.05 22.44
C LEU A 129 2.38 -4.41 23.53
N ASP A 130 1.94 -5.24 24.46
CA ASP A 130 2.79 -5.62 25.57
C ASP A 130 3.61 -6.85 25.19
N TYR A 131 4.73 -6.63 24.50
CA TYR A 131 5.53 -7.72 24.00
C TYR A 131 6.12 -8.57 25.12
N ASP A 132 6.49 -7.93 26.21
CA ASP A 132 7.01 -8.68 27.35
C ASP A 132 5.95 -9.64 27.89
N ALA A 133 4.70 -9.20 27.95
CA ALA A 133 3.63 -10.07 28.44
C ALA A 133 3.36 -11.20 27.45
N ILE A 134 3.50 -10.93 26.16
CA ILE A 134 3.32 -11.97 25.15
C ILE A 134 4.38 -13.04 25.31
N ILE A 135 5.61 -12.62 25.56
CA ILE A 135 6.71 -13.57 25.77
C ILE A 135 6.49 -14.39 27.05
N ALA A 136 6.01 -13.73 28.10
CA ALA A 136 5.79 -14.39 29.39
C ALA A 136 4.61 -15.35 29.35
N ASN A 137 3.64 -15.06 28.48
CA ASN A 137 2.39 -15.79 28.42
C ASN A 137 2.05 -16.13 26.98
N PRO A 138 2.86 -16.99 26.33
CA PRO A 138 2.61 -17.27 24.92
C PRO A 138 1.24 -17.91 24.71
N LYS A 139 0.52 -17.44 23.70
CA LYS A 139 -0.77 -17.99 23.33
C LYS A 139 -0.81 -18.13 21.82
N ILE A 140 -1.78 -18.92 21.34
CA ILE A 140 -2.03 -19.03 19.92
C ILE A 140 -2.69 -17.74 19.45
N ILE A 141 -2.03 -17.02 18.56
CA ILE A 141 -2.59 -15.79 17.99
C ILE A 141 -2.90 -16.07 16.54
N ILE A 142 -4.15 -15.85 16.15
CA ILE A 142 -4.63 -16.28 14.85
C ILE A 142 -5.56 -15.26 14.21
N GLY A 143 -5.40 -15.11 12.90
CA GLY A 143 -6.25 -14.25 12.10
C GLY A 143 -5.62 -14.13 10.72
N TYR A 144 -6.08 -13.19 9.92
CA TYR A 144 -5.52 -13.04 8.57
C TYR A 144 -5.79 -11.63 8.07
N ALA A 145 -5.46 -11.39 6.80
CA ALA A 145 -5.81 -10.13 6.17
C ALA A 145 -5.09 -8.98 6.87
N ASP A 146 -5.79 -7.90 7.21
CA ASP A 146 -5.13 -6.79 7.90
C ASP A 146 -4.38 -7.23 9.17
N THR A 147 -4.87 -8.28 9.81
CA THR A 147 -4.26 -8.73 11.06
C THR A 147 -2.84 -9.27 10.85
N THR A 148 -2.46 -9.47 9.59
CA THR A 148 -1.06 -9.73 9.26
C THR A 148 -0.11 -8.78 9.97
N ALA A 149 -0.47 -7.51 10.11
CA ALA A 149 0.44 -6.57 10.75
C ALA A 149 0.79 -7.03 12.17
N LEU A 150 -0.20 -7.54 12.89
CA LEU A 150 0.02 -8.06 14.24
C LEU A 150 0.75 -9.39 14.24
N LEU A 151 0.37 -10.30 13.34
CA LEU A 151 1.00 -11.61 13.31
C LEU A 151 2.47 -11.48 13.01
N ALA A 152 2.79 -10.69 12.00
CA ALA A 152 4.18 -10.48 11.60
C ALA A 152 4.94 -9.65 12.62
N GLY A 153 4.31 -8.59 13.13
CA GLY A 153 4.95 -7.72 14.08
C GLY A 153 5.26 -8.41 15.40
N ILE A 154 4.34 -9.24 15.88
CA ILE A 154 4.57 -10.02 17.09
C ILE A 154 5.71 -11.01 16.87
N TYR A 155 5.72 -11.69 15.73
CA TYR A 155 6.83 -12.59 15.43
C TYR A 155 8.16 -11.84 15.43
N ALA A 156 8.20 -10.69 14.76
CA ALA A 156 9.42 -9.90 14.67
C ALA A 156 9.94 -9.51 16.05
N LYS A 157 9.05 -9.16 16.96
CA LYS A 157 9.46 -8.68 18.27
C LYS A 157 9.77 -9.78 19.28
N THR A 158 9.14 -10.94 19.13
CA THR A 158 9.15 -11.96 20.18
C THR A 158 9.60 -13.34 19.73
N GLY A 159 9.58 -13.58 18.43
CA GLY A 159 9.86 -14.92 17.92
C GLY A 159 8.72 -15.91 18.10
N LEU A 160 7.58 -15.46 18.61
CA LEU A 160 6.41 -16.33 18.76
C LEU A 160 5.87 -16.79 17.42
N ILE A 161 5.64 -18.09 17.29
CA ILE A 161 4.99 -18.62 16.10
C ILE A 161 3.50 -18.35 16.19
N THR A 162 3.04 -17.46 15.31
CA THR A 162 1.64 -17.08 15.19
C THR A 162 1.06 -17.74 13.93
N PHE A 163 -0.25 -17.57 13.71
CA PHE A 163 -0.97 -18.37 12.72
C PHE A 163 -1.78 -17.55 11.74
N TYR A 164 -1.55 -17.80 10.45
CA TYR A 164 -2.39 -17.25 9.40
C TYR A 164 -3.56 -18.21 9.28
N GLY A 165 -4.75 -17.76 9.65
CA GLY A 165 -5.88 -18.65 9.72
C GLY A 165 -7.14 -17.91 10.08
N PRO A 166 -8.18 -18.67 10.46
CA PRO A 166 -9.53 -18.13 10.65
C PRO A 166 -9.61 -16.92 11.57
N ALA A 167 -10.44 -15.96 11.13
CA ALA A 167 -10.96 -14.91 11.99
C ALA A 167 -12.43 -15.24 12.25
N LEU A 168 -12.91 -14.87 13.43
CA LEU A 168 -14.20 -15.34 13.89
C LEU A 168 -15.35 -15.04 12.94
N ILE A 169 -15.44 -13.81 12.48
CA ILE A 169 -16.57 -13.37 11.68
C ILE A 169 -16.52 -13.89 10.24
N PRO A 170 -15.48 -13.53 9.46
CA PRO A 170 -15.50 -14.02 8.07
C PRO A 170 -15.35 -15.53 7.98
N SER A 171 -14.54 -16.13 8.84
CA SER A 171 -14.22 -17.54 8.67
C SER A 171 -15.24 -18.47 9.31
N PHE A 172 -15.57 -18.22 10.57
CA PHE A 172 -16.49 -19.11 11.28
C PHE A 172 -17.96 -18.70 11.19
N GLY A 173 -18.24 -17.50 10.66
CA GLY A 173 -19.59 -17.13 10.34
C GLY A 173 -20.02 -17.52 8.93
N GLU A 174 -19.12 -18.13 8.18
CA GLU A 174 -19.43 -18.66 6.86
C GLU A 174 -20.47 -19.76 6.98
N HIS A 175 -21.45 -19.77 6.08
CA HIS A 175 -22.44 -20.84 6.09
C HIS A 175 -21.82 -22.17 5.68
N PRO A 176 -22.39 -23.29 6.17
CA PRO A 176 -22.03 -24.58 5.59
C PRO A 176 -22.27 -24.53 4.07
N PRO A 177 -21.54 -25.35 3.30
CA PRO A 177 -20.65 -26.43 3.73
C PRO A 177 -19.21 -26.01 4.01
N LEU A 178 -18.80 -24.85 3.50
CA LEU A 178 -17.37 -24.54 3.50
C LEU A 178 -16.78 -24.31 4.89
N VAL A 179 -17.60 -23.82 5.82
CA VAL A 179 -17.09 -23.55 7.16
C VAL A 179 -16.58 -24.82 7.83
N ASP A 180 -17.17 -25.97 7.49
CA ASP A 180 -16.76 -27.22 8.12
C ASP A 180 -15.35 -27.60 7.71
N ILE A 181 -14.97 -27.28 6.48
CA ILE A 181 -13.64 -27.58 6.00
C ILE A 181 -12.61 -26.64 6.65
N THR A 182 -12.98 -25.38 6.77
CA THR A 182 -12.14 -24.42 7.51
C THR A 182 -11.92 -24.91 8.93
N TYR A 183 -12.99 -25.33 9.59
CA TYR A 183 -12.88 -25.79 10.97
C TYR A 183 -12.01 -27.03 11.08
N GLU A 184 -12.17 -27.97 10.15
CA GLU A 184 -11.37 -29.20 10.19
C GLU A 184 -9.86 -28.89 10.19
N SER A 185 -9.45 -27.93 9.37
CA SER A 185 -8.03 -27.57 9.33
C SER A 185 -7.59 -26.89 10.63
N PHE A 186 -8.39 -25.94 11.09
CA PHE A 186 -8.14 -25.22 12.35
C PHE A 186 -7.91 -26.20 13.49
N ILE A 187 -8.85 -27.12 13.69
CA ILE A 187 -8.76 -28.03 14.83
C ILE A 187 -7.62 -29.04 14.65
N LYS A 188 -7.40 -29.52 13.42
CA LYS A 188 -6.31 -30.45 13.17
C LYS A 188 -4.95 -29.82 13.46
N ILE A 189 -4.71 -28.65 12.87
CA ILE A 189 -3.41 -28.01 12.99
C ILE A 189 -3.09 -27.67 14.44
N LEU A 190 -4.08 -27.17 15.16
CA LEU A 190 -3.84 -26.63 16.48
C LEU A 190 -3.91 -27.65 17.61
N THR A 191 -4.56 -28.79 17.37
CA THR A 191 -4.67 -29.83 18.42
C THR A 191 -3.79 -31.06 18.20
N ARG A 192 -3.31 -31.28 16.98
CA ARG A 192 -2.59 -32.51 16.68
C ARG A 192 -1.32 -32.65 17.50
N LYS A 193 -0.93 -33.90 17.73
CA LYS A 193 0.36 -34.17 18.34
C LYS A 193 1.47 -33.68 17.43
N GLN A 194 2.48 -33.08 18.05
CA GLN A 194 3.61 -32.50 17.32
C GLN A 194 4.69 -33.55 17.13
N SER A 195 4.43 -34.50 16.25
CA SER A 195 5.43 -35.51 15.92
C SER A 195 5.28 -35.86 14.46
N GLY A 196 6.40 -35.90 13.75
CA GLY A 196 6.36 -36.15 12.33
C GLY A 196 5.81 -34.95 11.60
N ILE A 197 6.02 -34.91 10.30
CA ILE A 197 5.56 -33.80 9.49
C ILE A 197 4.04 -33.85 9.37
N TYR A 198 3.46 -32.70 9.03
CA TYR A 198 2.05 -32.62 8.74
C TYR A 198 1.87 -32.23 7.28
N THR A 199 1.18 -33.05 6.52
CA THR A 199 0.92 -32.75 5.12
C THR A 199 -0.52 -32.29 4.93
N TYR A 200 -0.68 -31.11 4.34
CA TYR A 200 -2.01 -30.53 4.15
C TYR A 200 -2.88 -31.36 3.22
N THR A 201 -4.16 -31.42 3.55
CA THR A 201 -5.18 -31.90 2.62
C THR A 201 -5.64 -30.75 1.75
N LEU A 202 -5.95 -31.07 0.51
CA LEU A 202 -6.40 -30.09 -0.47
C LEU A 202 -7.91 -30.03 -0.46
N PRO A 203 -8.50 -28.86 -0.16
CA PRO A 203 -9.97 -28.80 -0.24
C PRO A 203 -10.45 -29.20 -1.63
N GLU A 204 -11.51 -29.98 -1.69
CA GLU A 204 -12.01 -30.46 -2.97
C GLU A 204 -12.62 -29.33 -3.78
N LYS A 205 -13.30 -28.41 -3.10
CA LYS A 205 -13.97 -27.30 -3.75
C LYS A 205 -13.73 -26.03 -2.96
N TRP A 206 -13.84 -24.90 -3.63
CA TRP A 206 -13.63 -23.61 -2.97
C TRP A 206 -14.52 -22.56 -3.64
N SER A 207 -14.65 -21.42 -3.00
CA SER A 207 -15.36 -20.29 -3.60
C SER A 207 -14.81 -18.98 -3.11
N ASP A 208 -15.05 -17.94 -3.89
CA ASP A 208 -14.70 -16.58 -3.50
C ASP A 208 -15.87 -15.61 -3.68
N GLU A 209 -17.08 -16.12 -3.92
CA GLU A 209 -18.18 -15.20 -4.21
C GLU A 209 -18.53 -14.31 -3.04
N SER A 210 -18.84 -13.07 -3.35
CA SER A 210 -19.24 -12.07 -2.37
C SER A 210 -20.75 -12.08 -2.18
N ILE A 211 -21.26 -13.15 -1.58
CA ILE A 211 -22.67 -13.28 -1.27
C ILE A 211 -22.78 -13.97 0.08
N ASN A 212 -24.02 -14.03 0.60
CA ASN A 212 -24.31 -14.73 1.84
C ASN A 212 -23.50 -14.22 3.02
N TRP A 213 -23.37 -12.91 3.12
CA TRP A 213 -22.48 -12.33 4.13
C TRP A 213 -23.09 -12.25 5.54
N ASN A 214 -24.19 -11.51 5.70
CA ASN A 214 -24.65 -11.11 7.04
C ASN A 214 -26.16 -11.26 7.23
N GLU A 215 -26.70 -12.40 6.83
CA GLU A 215 -28.13 -12.67 7.04
C GLU A 215 -28.32 -14.06 7.60
N ASN A 216 -29.51 -14.35 8.09
CA ASN A 216 -29.76 -15.65 8.67
C ASN A 216 -29.65 -16.77 7.66
N LYS A 217 -30.15 -16.53 6.46
CA LYS A 217 -30.17 -17.55 5.43
C LYS A 217 -29.34 -17.14 4.24
N ILE A 218 -28.82 -18.12 3.52
CA ILE A 218 -28.14 -17.82 2.26
C ILE A 218 -29.15 -17.27 1.25
N LEU A 219 -28.68 -16.41 0.35
CA LEU A 219 -29.48 -16.02 -0.80
C LEU A 219 -29.64 -17.21 -1.75
N ARG A 220 -28.51 -17.86 -2.00
CA ARG A 220 -28.43 -19.01 -2.90
C ARG A 220 -27.05 -19.60 -2.69
N PRO A 221 -26.84 -20.87 -3.06
CA PRO A 221 -25.53 -21.46 -2.82
C PRO A 221 -24.43 -20.80 -3.63
N LYS A 222 -23.25 -20.66 -3.01
CA LYS A 222 -22.07 -20.19 -3.73
C LYS A 222 -21.68 -21.17 -4.83
N LYS A 223 -21.13 -20.64 -5.91
CA LYS A 223 -20.46 -21.46 -6.91
C LYS A 223 -19.32 -22.19 -6.21
N LEU A 224 -19.22 -23.49 -6.46
CA LEU A 224 -18.13 -24.29 -5.91
C LEU A 224 -17.19 -24.70 -7.02
N TYR A 225 -15.99 -24.14 -7.00
CA TYR A 225 -14.99 -24.42 -8.02
C TYR A 225 -14.16 -25.64 -7.65
N LYS A 226 -13.79 -26.43 -8.65
CA LYS A 226 -12.79 -27.45 -8.42
C LYS A 226 -11.46 -26.78 -8.06
N ASN A 227 -10.65 -27.45 -7.26
CA ASN A 227 -9.41 -26.86 -6.83
C ASN A 227 -8.38 -26.85 -7.95
N ASN A 228 -8.02 -25.66 -8.40
CA ASN A 228 -7.11 -25.48 -9.52
C ASN A 228 -5.72 -25.03 -9.11
N CYS A 229 -5.35 -25.29 -7.86
CA CYS A 229 -4.01 -24.91 -7.45
CA CYS A 229 -4.00 -25.02 -7.35
C CYS A 229 -2.98 -25.64 -8.30
N ALA A 230 -1.88 -24.93 -8.58
CA ALA A 230 -0.87 -25.42 -9.51
C ALA A 230 0.50 -25.33 -8.84
N PHE A 231 1.34 -26.33 -9.11
CA PHE A 231 2.69 -26.37 -8.59
C PHE A 231 3.65 -26.15 -9.75
N TYR A 232 4.17 -24.93 -9.86
CA TYR A 232 5.09 -24.58 -10.93
C TYR A 232 6.52 -24.77 -10.48
N GLY A 233 7.11 -25.90 -10.84
CA GLY A 233 8.46 -26.20 -10.42
C GLY A 233 8.65 -27.68 -10.32
N SER A 234 9.82 -28.09 -9.85
CA SER A 234 10.10 -29.51 -9.67
C SER A 234 10.91 -29.70 -8.40
N GLY A 235 10.97 -30.94 -7.94
CA GLY A 235 11.70 -31.25 -6.73
C GLY A 235 10.99 -30.75 -5.48
N LYS A 236 11.73 -30.69 -4.38
CA LYS A 236 11.19 -30.32 -3.09
C LYS A 236 11.97 -29.14 -2.55
N VAL A 237 11.25 -28.15 -2.05
CA VAL A 237 11.88 -26.99 -1.42
C VAL A 237 11.43 -26.91 0.02
N GLU A 238 12.38 -26.79 0.94
CA GLU A 238 12.08 -26.67 2.35
C GLU A 238 12.72 -25.42 2.91
N GLY A 239 11.93 -24.62 3.62
CA GLY A 239 12.45 -23.38 4.18
C GLY A 239 11.42 -22.75 5.10
N ARG A 240 11.89 -21.82 5.92
CA ARG A 240 11.03 -21.06 6.82
C ARG A 240 10.02 -20.24 6.02
N VAL A 241 8.74 -20.38 6.36
CA VAL A 241 7.71 -19.57 5.71
C VAL A 241 7.53 -18.22 6.41
N ILE A 242 7.45 -17.17 5.60
CA ILE A 242 7.28 -15.81 6.09
C ILE A 242 6.33 -15.09 5.15
N GLY A 243 5.49 -14.22 5.72
CA GLY A 243 4.63 -13.38 4.90
C GLY A 243 3.25 -13.18 5.48
N GLY A 244 2.25 -13.25 4.60
CA GLY A 244 0.87 -12.98 4.97
C GLY A 244 0.19 -12.19 3.88
N ASN A 245 -0.72 -11.29 4.27
CA ASN A 245 -1.40 -10.45 3.31
C ASN A 245 -0.44 -9.40 2.79
N LEU A 246 -0.17 -9.43 1.50
CA LEU A 246 0.91 -8.62 0.95
C LEU A 246 0.60 -7.13 1.03
N ASN A 247 -0.61 -6.74 0.65
CA ASN A 247 -0.95 -5.33 0.78
C ASN A 247 -0.77 -4.84 2.21
N THR A 248 -1.17 -5.65 3.18
CA THR A 248 -1.02 -5.26 4.59
C THR A 248 0.45 -5.11 4.99
N LEU A 249 1.32 -5.94 4.44
CA LEU A 249 2.74 -5.86 4.79
C LEU A 249 3.30 -4.48 4.47
N THR A 250 2.75 -3.79 3.48
CA THR A 250 3.23 -2.45 3.17
C THR A 250 3.11 -1.50 4.37
N GLY A 251 2.17 -1.76 5.30
CA GLY A 251 1.99 -0.89 6.45
C GLY A 251 3.02 -1.07 7.56
N ILE A 252 3.83 -2.12 7.48
CA ILE A 252 4.89 -2.36 8.46
C ILE A 252 6.28 -2.41 7.81
N TRP A 253 6.30 -2.37 6.48
CA TRP A 253 7.52 -2.56 5.72
C TRP A 253 8.58 -1.54 6.13
N GLY A 254 9.82 -1.99 6.22
CA GLY A 254 10.94 -1.12 6.55
C GLY A 254 11.15 -0.94 8.04
N SER A 255 10.16 -1.28 8.86
CA SER A 255 10.20 -1.05 10.30
C SER A 255 10.74 -2.25 11.05
N GLU A 256 10.99 -2.06 12.33
CA GLU A 256 11.45 -3.14 13.21
C GLU A 256 10.38 -4.22 13.38
N TRP A 257 9.16 -3.96 12.94
CA TRP A 257 8.07 -4.94 13.03
C TRP A 257 7.94 -5.81 11.80
N MET A 258 8.67 -5.50 10.72
CA MET A 258 8.67 -6.37 9.55
C MET A 258 9.76 -7.44 9.73
N PRO A 259 9.38 -8.71 9.82
CA PRO A 259 10.42 -9.74 9.96
C PRO A 259 11.36 -9.71 8.77
N GLU A 260 12.66 -9.83 9.04
CA GLU A 260 13.64 -9.89 7.96
C GLU A 260 13.43 -11.17 7.16
N ILE A 261 13.38 -11.02 5.84
CA ILE A 261 13.34 -12.15 4.93
C ILE A 261 14.77 -12.56 4.62
N ARG A 262 15.02 -13.86 4.68
CA ARG A 262 16.38 -14.38 4.58
C ARG A 262 16.52 -15.36 3.43
N ASN A 263 17.75 -15.52 2.96
CA ASN A 263 18.05 -16.54 1.96
C ASN A 263 17.45 -17.88 2.35
N GLY A 264 16.75 -18.49 1.39
CA GLY A 264 16.18 -19.80 1.62
C GLY A 264 14.76 -19.81 2.16
N ASP A 265 14.25 -18.66 2.58
CA ASP A 265 12.87 -18.59 3.07
C ASP A 265 11.89 -18.96 1.95
N ILE A 266 10.71 -19.42 2.37
CA ILE A 266 9.57 -19.55 1.47
C ILE A 266 8.66 -18.35 1.71
N LEU A 267 8.40 -17.57 0.66
CA LEU A 267 7.52 -16.41 0.79
C LEU A 267 6.08 -16.84 0.63
N PHE A 268 5.24 -16.52 1.61
CA PHE A 268 3.81 -16.75 1.51
C PHE A 268 3.12 -15.40 1.41
N ILE A 269 2.37 -15.21 0.33
CA ILE A 269 1.66 -13.97 0.11
C ILE A 269 0.27 -14.24 -0.45
N GLU A 270 -0.70 -13.47 0.01
CA GLU A 270 -2.04 -13.51 -0.55
C GLU A 270 -2.60 -12.11 -0.55
N ASP A 271 -3.52 -11.84 -1.47
CA ASP A 271 -4.24 -10.57 -1.49
C ASP A 271 -5.70 -10.83 -1.84
N SER A 272 -6.52 -9.80 -1.65
CA SER A 272 -7.97 -9.91 -1.82
C SER A 272 -8.53 -8.74 -2.62
N ARG A 273 -9.35 -9.05 -3.61
CA ARG A 273 -10.15 -8.07 -4.34
C ARG A 273 -9.32 -6.95 -4.93
N LYS A 274 -8.12 -7.28 -5.40
CA LYS A 274 -7.29 -6.26 -6.01
C LYS A 274 -7.37 -6.26 -7.52
N SER A 275 -7.13 -5.09 -8.09
CA SER A 275 -6.89 -4.96 -9.51
CA SER A 275 -6.88 -4.94 -9.51
C SER A 275 -5.52 -5.53 -9.86
N ILE A 276 -5.41 -6.01 -11.08
CA ILE A 276 -4.13 -6.42 -11.62
C ILE A 276 -3.09 -5.29 -11.52
N ALA A 277 -3.54 -4.03 -11.65
CA ALA A 277 -2.62 -2.90 -11.47
C ALA A 277 -1.97 -2.93 -10.09
N THR A 278 -2.78 -3.16 -9.06
CA THR A 278 -2.26 -3.20 -7.70
C THR A 278 -1.37 -4.41 -7.49
N VAL A 279 -1.75 -5.55 -8.04
CA VAL A 279 -0.94 -6.75 -7.92
C VAL A 279 0.45 -6.56 -8.56
N GLU A 280 0.50 -5.96 -9.74
CA GLU A 280 1.80 -5.67 -10.34
C GLU A 280 2.62 -4.77 -9.42
N ARG A 281 1.99 -3.74 -8.86
CA ARG A 281 2.69 -2.82 -7.98
C ARG A 281 3.31 -3.53 -6.77
N LEU A 282 2.55 -4.40 -6.14
CA LEU A 282 3.01 -5.12 -4.95
C LEU A 282 4.10 -6.14 -5.29
N PHE A 283 3.97 -6.83 -6.41
CA PHE A 283 5.01 -7.75 -6.83
C PHE A 283 6.30 -6.99 -7.15
N SER A 284 6.18 -5.85 -7.83
CA SER A 284 7.37 -5.05 -8.10
C SER A 284 8.00 -4.50 -6.82
N MET A 285 7.19 -4.15 -5.81
CA MET A 285 7.74 -3.74 -4.53
C MET A 285 8.66 -4.83 -3.97
N LEU A 286 8.18 -6.07 -3.98
CA LEU A 286 9.01 -7.19 -3.52
C LEU A 286 10.29 -7.30 -4.33
N LYS A 287 10.17 -7.17 -5.64
CA LYS A 287 11.35 -7.24 -6.51
C LYS A 287 12.37 -6.19 -6.13
N LEU A 288 11.91 -4.95 -5.96
CA LEU A 288 12.82 -3.84 -5.67
C LEU A 288 13.54 -4.09 -4.35
N ASN A 289 12.86 -4.78 -3.44
CA ASN A 289 13.40 -5.09 -2.13
C ASN A 289 14.30 -6.32 -2.08
N ARG A 290 14.61 -6.87 -3.25
CA ARG A 290 15.53 -8.01 -3.40
C ARG A 290 14.97 -9.29 -2.80
N VAL A 291 13.66 -9.32 -2.56
CA VAL A 291 13.04 -10.51 -2.00
C VAL A 291 13.22 -11.73 -2.93
N PHE A 292 13.14 -11.50 -4.23
CA PHE A 292 13.24 -12.59 -5.19
C PHE A 292 14.67 -13.05 -5.42
N ASP A 293 15.64 -12.34 -4.82
CA ASP A 293 17.02 -12.80 -4.81
C ASP A 293 17.28 -13.73 -3.63
N LYS A 294 16.34 -13.75 -2.68
CA LYS A 294 16.51 -14.51 -1.45
C LYS A 294 15.68 -15.78 -1.36
N VAL A 295 14.42 -15.70 -1.73
CA VAL A 295 13.49 -16.79 -1.40
C VAL A 295 13.67 -18.01 -2.30
N SER A 296 13.43 -19.18 -1.74
CA SER A 296 13.61 -20.41 -2.50
CA SER A 296 13.60 -20.46 -2.43
C SER A 296 12.32 -20.91 -3.14
N ALA A 297 11.19 -20.37 -2.71
CA ALA A 297 9.90 -20.67 -3.31
C ALA A 297 8.92 -19.59 -2.91
N ILE A 298 7.84 -19.48 -3.65
CA ILE A 298 6.75 -18.56 -3.34
C ILE A 298 5.44 -19.34 -3.30
N ILE A 299 4.65 -19.08 -2.27
CA ILE A 299 3.28 -19.57 -2.18
C ILE A 299 2.34 -18.40 -2.40
N LEU A 300 1.51 -18.49 -3.44
CA LEU A 300 0.45 -17.52 -3.66
C LEU A 300 -0.85 -18.10 -3.14
N GLY A 301 -1.44 -17.46 -2.14
CA GLY A 301 -2.78 -17.84 -1.74
C GLY A 301 -3.76 -17.50 -2.84
N LYS A 302 -4.86 -18.25 -2.94
CA LYS A 302 -5.88 -17.91 -3.92
C LYS A 302 -6.33 -16.48 -3.69
N HIS A 303 -6.42 -15.70 -4.77
CA HIS A 303 -6.80 -14.30 -4.69
C HIS A 303 -8.32 -14.16 -4.82
N GLU A 304 -8.99 -13.65 -3.79
CA GLU A 304 -10.44 -13.48 -3.81
C GLU A 304 -10.84 -12.45 -4.85
N LEU A 305 -11.64 -12.86 -5.84
CA LEU A 305 -12.22 -11.93 -6.82
C LEU A 305 -11.17 -10.98 -7.42
N PHE A 306 -10.08 -11.55 -7.91
CA PHE A 306 -9.07 -10.77 -8.62
C PHE A 306 -9.70 -10.07 -9.83
N ASP A 307 -9.35 -8.81 -10.04
CA ASP A 307 -9.86 -8.06 -11.18
C ASP A 307 -8.76 -7.90 -12.23
N CYS A 308 -8.86 -8.68 -13.31
CA CYS A 308 -7.83 -8.72 -14.34
C CYS A 308 -7.94 -7.57 -15.34
N ALA A 309 -8.90 -6.68 -15.14
CA ALA A 309 -9.09 -5.52 -16.03
C ALA A 309 -9.35 -5.92 -17.48
N GLY A 310 -9.92 -7.11 -17.68
CA GLY A 310 -10.24 -7.58 -19.01
C GLY A 310 -9.09 -8.29 -19.72
N SER A 311 -7.92 -8.32 -19.09
CA SER A 311 -6.73 -8.91 -19.70
C SER A 311 -6.75 -10.44 -19.69
N LYS A 312 -7.58 -11.01 -18.80
CA LYS A 312 -7.64 -12.45 -18.60
C LYS A 312 -6.36 -13.03 -17.99
N ARG A 313 -5.45 -12.17 -17.56
CA ARG A 313 -4.22 -12.61 -16.92
C ARG A 313 -4.47 -12.98 -15.48
N ARG A 314 -3.73 -13.97 -14.98
CA ARG A 314 -3.78 -14.32 -13.57
C ARG A 314 -2.56 -13.77 -12.85
N PRO A 315 -2.63 -13.70 -11.52
CA PRO A 315 -1.48 -13.15 -10.78
C PRO A 315 -0.15 -13.83 -11.10
N TYR A 316 -0.14 -15.14 -11.32
CA TYR A 316 1.11 -15.83 -11.60
C TYR A 316 1.78 -15.28 -12.86
N GLU A 317 0.98 -14.93 -13.87
CA GLU A 317 1.53 -14.37 -15.10
CA GLU A 317 1.53 -14.37 -15.10
C GLU A 317 2.19 -13.03 -14.84
N VAL A 318 1.58 -12.22 -13.98
CA VAL A 318 2.15 -10.91 -13.63
C VAL A 318 3.46 -11.12 -12.87
N LEU A 319 3.44 -12.05 -11.92
CA LEU A 319 4.63 -12.37 -11.16
C LEU A 319 5.76 -12.78 -12.10
N THR A 320 5.43 -13.61 -13.09
CA THR A 320 6.43 -14.06 -14.05
C THR A 320 7.08 -12.90 -14.80
N GLU A 321 6.28 -11.91 -15.22
CA GLU A 321 6.88 -10.75 -15.87
C GLU A 321 7.83 -10.03 -14.92
N VAL A 322 7.35 -9.79 -13.70
CA VAL A 322 8.14 -9.07 -12.72
C VAL A 322 9.45 -9.80 -12.40
N LEU A 323 9.41 -11.13 -12.33
CA LEU A 323 10.60 -11.91 -12.03
C LEU A 323 11.72 -11.75 -13.04
N ASP A 324 11.37 -11.38 -14.28
CA ASP A 324 12.37 -11.08 -15.30
C ASP A 324 13.40 -12.19 -15.45
N GLY A 325 12.93 -13.42 -15.53
CA GLY A 325 13.79 -14.56 -15.78
C GLY A 325 14.30 -15.28 -14.54
N LYS A 326 14.12 -14.70 -13.36
CA LYS A 326 14.51 -15.36 -12.12
C LYS A 326 13.63 -16.58 -11.91
N GLN A 327 14.24 -17.75 -11.86
CA GLN A 327 13.47 -18.98 -11.74
C GLN A 327 13.25 -19.30 -10.27
N ILE A 328 12.01 -19.18 -9.84
CA ILE A 328 11.61 -19.52 -8.49
C ILE A 328 10.37 -20.40 -8.60
N PRO A 329 10.38 -21.56 -7.95
CA PRO A 329 9.18 -22.39 -8.01
C PRO A 329 8.03 -21.75 -7.23
N VAL A 330 6.82 -21.91 -7.73
CA VAL A 330 5.67 -21.22 -7.17
C VAL A 330 4.53 -22.20 -6.96
N LEU A 331 3.98 -22.21 -5.74
CA LEU A 331 2.74 -22.91 -5.48
C LEU A 331 1.66 -21.87 -5.68
N ASP A 332 0.93 -21.97 -6.78
CA ASP A 332 -0.07 -20.98 -7.13
C ASP A 332 -1.46 -21.46 -6.73
N GLY A 333 -2.03 -20.87 -5.70
CA GLY A 333 -3.40 -21.18 -5.33
C GLY A 333 -3.56 -21.96 -4.04
N PHE A 334 -2.68 -21.73 -3.07
CA PHE A 334 -2.84 -22.36 -1.76
C PHE A 334 -4.09 -21.82 -1.07
N ASP A 335 -4.83 -22.71 -0.40
CA ASP A 335 -6.10 -22.33 0.23
C ASP A 335 -5.88 -21.77 1.62
N CYS A 336 -5.12 -20.68 1.69
CA CYS A 336 -4.90 -19.98 2.93
C CYS A 336 -4.92 -18.51 2.59
N SER A 337 -6.12 -17.95 2.54
CA SER A 337 -6.32 -16.63 1.98
C SER A 337 -7.74 -16.18 2.31
N HIS A 338 -8.28 -15.25 1.53
CA HIS A 338 -9.64 -14.78 1.74
C HIS A 338 -10.70 -15.71 1.12
N THR A 339 -10.28 -16.71 0.36
CA THR A 339 -11.24 -17.65 -0.22
C THR A 339 -11.71 -18.66 0.82
N HIS A 340 -12.85 -19.30 0.56
CA HIS A 340 -13.36 -20.35 1.45
C HIS A 340 -13.28 -21.69 0.74
N PRO A 341 -12.89 -22.75 1.45
CA PRO A 341 -12.50 -22.77 2.87
C PRO A 341 -11.08 -22.30 3.05
N MET A 342 -10.70 -22.05 4.30
CA MET A 342 -9.38 -21.55 4.61
C MET A 342 -8.65 -22.52 5.52
N LEU A 343 -7.42 -22.85 5.16
CA LEU A 343 -6.55 -23.68 5.99
C LEU A 343 -5.80 -22.81 6.99
N THR A 344 -5.34 -23.41 8.07
CA THR A 344 -4.54 -22.73 9.10
C THR A 344 -3.06 -23.01 8.88
N LEU A 345 -2.25 -21.95 8.88
CA LEU A 345 -0.82 -22.04 8.57
C LEU A 345 0.03 -21.36 9.65
N PRO A 346 0.92 -22.10 10.33
CA PRO A 346 1.88 -21.43 11.21
C PRO A 346 2.88 -20.62 10.37
N LEU A 347 3.18 -19.41 10.82
CA LEU A 347 4.17 -18.57 10.16
C LEU A 347 5.48 -18.57 10.94
N GLY A 348 6.59 -18.65 10.23
CA GLY A 348 7.90 -18.56 10.86
C GLY A 348 8.53 -19.90 11.16
N VAL A 349 7.93 -20.99 10.67
CA VAL A 349 8.52 -22.32 10.79
C VAL A 349 8.72 -22.92 9.42
N LYS A 350 9.50 -24.00 9.35
CA LYS A 350 9.79 -24.64 8.08
C LYS A 350 8.60 -25.39 7.49
N LEU A 351 8.41 -25.19 6.19
CA LEU A 351 7.51 -25.99 5.37
C LEU A 351 8.33 -26.68 4.30
N ALA A 352 7.79 -27.77 3.76
CA ALA A 352 8.36 -28.42 2.59
C ALA A 352 7.30 -28.50 1.51
N ILE A 353 7.59 -27.93 0.35
CA ILE A 353 6.71 -28.03 -0.81
C ILE A 353 7.32 -29.05 -1.75
N ASP A 354 6.55 -30.10 -2.04
CA ASP A 354 6.98 -31.08 -3.03
C ASP A 354 6.29 -30.76 -4.34
N PHE A 355 7.04 -30.17 -5.25
CA PHE A 355 6.49 -29.75 -6.53
C PHE A 355 6.22 -30.91 -7.48
N ASP A 356 6.89 -32.03 -7.26
CA ASP A 356 6.67 -33.21 -8.09
C ASP A 356 5.41 -33.95 -7.64
N ASN A 357 5.25 -34.11 -6.33
CA ASN A 357 4.09 -34.82 -5.78
C ASN A 357 2.91 -33.92 -5.45
N LYS A 358 3.08 -32.61 -5.67
CA LYS A 358 2.00 -31.65 -5.50
C LYS A 358 1.43 -31.66 -4.10
N ASN A 359 2.30 -31.49 -3.12
CA ASN A 359 1.83 -31.35 -1.75
C ASN A 359 2.69 -30.38 -0.95
N ILE A 360 2.19 -30.05 0.23
CA ILE A 360 2.87 -29.06 1.08
C ILE A 360 2.72 -29.52 2.51
N SER A 361 3.82 -29.43 3.26
CA SER A 361 3.88 -29.97 4.61
C SER A 361 4.55 -29.01 5.58
N ILE A 362 4.14 -29.08 6.84
CA ILE A 362 4.85 -28.41 7.92
C ILE A 362 5.88 -29.39 8.47
N THR A 363 7.14 -28.97 8.55
CA THR A 363 8.21 -29.88 8.94
C THR A 363 8.90 -29.52 10.25
N GLU A 364 8.44 -28.44 10.89
CA GLU A 364 9.05 -27.96 12.13
C GLU A 364 7.97 -27.77 13.20
N GLN A 365 8.28 -28.15 14.43
CA GLN A 365 7.36 -28.03 15.55
C GLN A 365 6.91 -26.57 15.69
N TYR A 366 5.60 -26.37 15.89
CA TYR A 366 5.04 -25.03 15.89
C TYR A 366 4.13 -24.74 17.10
N LEU A 367 3.94 -25.74 17.95
CA LEU A 367 3.29 -25.58 19.25
C LEU A 367 4.04 -26.45 20.24
N SER A 368 3.94 -26.10 21.52
CA SER A 368 4.53 -26.91 22.58
C SER A 368 3.88 -28.29 22.60
N THR A 369 4.63 -29.30 23.05
CA THR A 369 4.11 -30.66 23.07
C THR A 369 3.00 -30.84 24.12
N GLU A 370 3.02 -29.98 25.14
CA GLU A 370 2.02 -30.04 26.20
C GLU A 370 1.68 -28.65 26.73
N LYS A 371 0.55 -28.53 27.43
CA LYS A 371 0.10 -27.26 27.97
C LYS A 371 0.92 -26.81 29.18
N PRO B 34 23.52 18.71 -4.92
CA PRO B 34 22.66 17.88 -5.78
C PRO B 34 22.94 18.09 -7.26
N LEU B 35 22.45 17.16 -8.07
CA LEU B 35 22.54 17.27 -9.51
C LEU B 35 21.38 18.11 -10.01
N LEU B 36 21.69 19.14 -10.81
CA LEU B 36 20.68 20.10 -11.25
C LEU B 36 20.50 20.10 -12.76
N ALA B 37 19.24 20.11 -13.19
CA ALA B 37 18.93 20.26 -14.61
C ALA B 37 19.01 21.72 -15.04
N ALA B 38 19.13 21.95 -16.34
CA ALA B 38 19.04 23.30 -16.88
C ALA B 38 17.62 23.84 -16.77
N PRO B 39 17.47 25.15 -16.56
CA PRO B 39 16.15 25.74 -16.47
C PRO B 39 15.37 25.60 -17.77
N LEU B 40 14.05 25.63 -17.66
CA LEU B 40 13.17 25.62 -18.81
C LEU B 40 13.14 27.01 -19.43
N ALA B 41 12.89 27.05 -20.74
CA ALA B 41 12.62 28.31 -21.41
C ALA B 41 11.43 28.11 -22.34
N VAL B 42 10.61 29.14 -22.47
CA VAL B 42 9.53 29.10 -23.44
C VAL B 42 10.13 28.77 -24.80
N GLY B 43 9.50 27.85 -25.51
CA GLY B 43 10.02 27.42 -26.79
C GLY B 43 10.80 26.12 -26.75
N ASP B 44 11.13 25.66 -25.53
CA ASP B 44 11.81 24.38 -25.36
C ASP B 44 10.95 23.22 -25.80
N THR B 45 11.58 22.06 -25.95
CA THR B 45 10.90 20.82 -26.24
C THR B 45 10.62 20.03 -24.96
N ILE B 46 9.36 19.66 -24.79
CA ILE B 46 8.91 18.83 -23.68
C ILE B 46 8.55 17.46 -24.24
N GLY B 47 9.12 16.40 -23.67
CA GLY B 47 8.75 15.05 -24.05
C GLY B 47 7.84 14.45 -23.00
N PHE B 48 6.86 13.66 -23.41
CA PHE B 48 5.94 13.07 -22.44
C PHE B 48 5.90 11.55 -22.54
N PHE B 49 5.69 10.90 -21.40
CA PHE B 49 5.73 9.45 -21.28
C PHE B 49 4.57 8.96 -20.43
N SER B 50 4.17 7.71 -20.66
CA SER B 50 3.08 7.08 -19.91
C SER B 50 3.60 5.86 -19.15
N SER B 51 4.04 6.07 -17.91
CA SER B 51 4.68 5.02 -17.15
C SER B 51 3.67 4.09 -16.46
N SER B 52 2.38 4.39 -16.58
CA SER B 52 1.37 3.53 -15.98
C SER B 52 0.08 3.52 -16.79
N ALA B 53 -0.95 4.27 -16.38
CA ALA B 53 -2.25 4.20 -17.07
C ALA B 53 -2.17 4.77 -18.48
N PRO B 54 -2.87 4.13 -19.42
CA PRO B 54 -2.79 4.55 -20.83
C PRO B 54 -3.77 5.68 -21.17
N ALA B 55 -3.69 6.78 -20.45
CA ALA B 55 -4.69 7.83 -20.60
C ALA B 55 -4.60 8.64 -21.89
N THR B 56 -3.52 8.53 -22.65
CA THR B 56 -3.54 9.18 -23.97
C THR B 56 -4.63 8.55 -24.85
N VAL B 57 -5.03 7.34 -24.48
CA VAL B 57 -6.15 6.64 -25.13
C VAL B 57 -7.45 6.81 -24.35
N THR B 58 -7.42 6.53 -23.05
CA THR B 58 -8.65 6.49 -22.28
C THR B 58 -9.18 7.86 -21.87
N ALA B 59 -8.32 8.88 -21.95
CA ALA B 59 -8.75 10.27 -21.72
C ALA B 59 -8.24 11.14 -22.88
N LYS B 60 -8.53 10.69 -24.08
CA LYS B 60 -7.96 11.31 -25.28
C LYS B 60 -8.35 12.76 -25.46
N ASN B 61 -9.59 13.09 -25.12
CA ASN B 61 -10.03 14.48 -25.24
C ASN B 61 -9.22 15.38 -24.34
N ARG B 62 -9.07 14.98 -23.07
CA ARG B 62 -8.31 15.76 -22.11
C ARG B 62 -6.83 15.84 -22.50
N PHE B 63 -6.30 14.73 -23.00
CA PHE B 63 -4.94 14.67 -23.52
C PHE B 63 -4.72 15.72 -24.61
N PHE B 64 -5.61 15.75 -25.61
CA PHE B 64 -5.51 16.74 -26.67
C PHE B 64 -5.59 18.17 -26.14
N ARG B 65 -6.43 18.42 -25.15
CA ARG B 65 -6.50 19.74 -24.53
CA ARG B 65 -6.50 19.75 -24.57
C ARG B 65 -5.16 20.14 -23.93
N GLY B 66 -4.51 19.20 -23.24
CA GLY B 66 -3.23 19.49 -22.61
C GLY B 66 -2.16 19.76 -23.64
N VAL B 67 -2.13 18.96 -24.69
CA VAL B 67 -1.18 19.16 -25.77
C VAL B 67 -1.37 20.55 -26.39
N GLU B 68 -2.61 20.88 -26.70
CA GLU B 68 -2.90 22.17 -27.31
C GLU B 68 -2.53 23.32 -26.39
N PHE B 69 -2.83 23.17 -25.11
CA PHE B 69 -2.52 24.20 -24.13
C PHE B 69 -1.02 24.55 -24.15
N LEU B 70 -0.17 23.53 -24.03
CA LEU B 70 1.26 23.78 -23.98
C LEU B 70 1.83 24.25 -25.33
N GLN B 71 1.29 23.72 -26.42
CA GLN B 71 1.73 24.18 -27.74
C GLN B 71 1.42 25.66 -27.91
N ARG B 72 0.27 26.09 -27.43
CA ARG B 72 -0.11 27.49 -27.58
C ARG B 72 0.80 28.41 -26.76
N LYS B 73 1.36 27.89 -25.67
CA LYS B 73 2.35 28.62 -24.89
C LYS B 73 3.70 28.71 -25.59
N GLY B 74 3.88 27.96 -26.68
CA GLY B 74 5.10 28.04 -27.45
C GLY B 74 6.01 26.82 -27.36
N PHE B 75 5.60 25.82 -26.58
CA PHE B 75 6.45 24.64 -26.42
C PHE B 75 6.30 23.68 -27.59
N LYS B 76 7.38 22.98 -27.92
CA LYS B 76 7.33 21.87 -28.84
C LYS B 76 7.16 20.62 -28.01
N LEU B 77 6.34 19.68 -28.48
CA LEU B 77 6.10 18.46 -27.73
C LEU B 77 6.57 17.24 -28.50
N VAL B 78 7.26 16.34 -27.81
CA VAL B 78 7.64 15.05 -28.34
C VAL B 78 6.85 13.96 -27.62
N SER B 79 6.10 13.18 -28.38
CA SER B 79 5.28 12.11 -27.79
C SER B 79 6.11 10.86 -27.56
N GLY B 80 6.05 10.33 -26.34
CA GLY B 80 6.70 9.07 -26.04
C GLY B 80 6.14 7.94 -26.89
N LYS B 81 6.95 6.91 -27.10
CA LYS B 81 6.57 5.86 -28.03
C LYS B 81 5.35 5.02 -27.62
N LEU B 82 4.89 5.14 -26.37
CA LEU B 82 3.68 4.42 -25.98
C LEU B 82 2.41 5.27 -26.09
N THR B 83 2.55 6.50 -26.58
CA THR B 83 1.37 7.33 -26.78
C THR B 83 0.41 6.62 -27.75
N GLY B 84 -0.86 6.56 -27.40
CA GLY B 84 -1.85 5.92 -28.25
C GLY B 84 -1.88 4.40 -28.14
N LYS B 85 -1.07 3.81 -27.27
CA LYS B 85 -1.07 2.36 -27.07
C LYS B 85 -1.81 1.97 -25.80
N THR B 86 -2.33 0.74 -25.77
CA THR B 86 -2.94 0.22 -24.56
C THR B 86 -2.58 -1.23 -24.32
N ASP B 87 -2.34 -1.57 -23.06
CA ASP B 87 -2.24 -2.94 -22.62
C ASP B 87 -3.17 -3.10 -21.42
N PHE B 88 -4.45 -2.96 -21.69
CA PHE B 88 -5.50 -3.03 -20.68
C PHE B 88 -5.33 -1.93 -19.64
N TYR B 89 -4.73 -2.25 -18.50
CA TYR B 89 -4.62 -1.33 -17.38
C TYR B 89 -3.39 -0.44 -17.43
N ARG B 90 -2.51 -0.68 -18.40
CA ARG B 90 -1.23 0.01 -18.47
C ARG B 90 -0.93 0.33 -19.92
N SER B 91 0.11 1.11 -20.17
CA SER B 91 0.46 1.54 -21.52
C SER B 91 1.28 0.50 -22.26
N GLY B 92 1.92 -0.41 -21.54
CA GLY B 92 2.77 -1.40 -22.18
C GLY B 92 3.46 -2.24 -21.13
N THR B 93 4.30 -3.16 -21.58
CA THR B 93 5.06 -3.99 -20.65
C THR B 93 5.99 -3.14 -19.78
N ILE B 94 6.45 -3.71 -18.68
CA ILE B 94 7.42 -3.05 -17.83
C ILE B 94 8.61 -2.57 -18.64
N LYS B 95 9.18 -3.45 -19.44
CA LYS B 95 10.36 -3.07 -20.20
C LYS B 95 10.10 -2.02 -21.25
N GLU B 96 8.95 -2.08 -21.92
CA GLU B 96 8.62 -1.08 -22.93
C GLU B 96 8.40 0.30 -22.30
N ARG B 97 7.80 0.33 -21.12
CA ARG B 97 7.61 1.60 -20.42
C ARG B 97 8.96 2.19 -19.99
N ALA B 98 9.87 1.35 -19.51
CA ALA B 98 11.20 1.83 -19.17
C ALA B 98 11.90 2.39 -20.42
N GLN B 99 11.78 1.68 -21.54
CA GLN B 99 12.37 2.17 -22.79
C GLN B 99 11.77 3.51 -23.21
N GLU B 100 10.46 3.64 -23.06
CA GLU B 100 9.81 4.88 -23.45
C GLU B 100 10.44 6.07 -22.73
N PHE B 101 10.62 5.92 -21.42
CA PHE B 101 11.22 6.95 -20.60
C PHE B 101 12.68 7.19 -21.00
N ASN B 102 13.45 6.12 -21.10
CA ASN B 102 14.87 6.24 -21.41
C ASN B 102 15.11 6.94 -22.74
N GLU B 103 14.27 6.63 -23.72
CA GLU B 103 14.41 7.25 -25.05
C GLU B 103 14.22 8.76 -24.99
N LEU B 104 13.39 9.26 -24.06
CA LEU B 104 13.27 10.70 -23.89
C LEU B 104 14.53 11.28 -23.26
N VAL B 105 15.12 10.56 -22.33
CA VAL B 105 16.39 10.97 -21.75
C VAL B 105 17.48 11.08 -22.83
N TYR B 106 17.48 10.16 -23.78
CA TYR B 106 18.51 10.14 -24.84
C TYR B 106 18.32 11.21 -25.90
N ASN B 107 17.14 11.84 -25.94
CA ASN B 107 16.86 12.86 -26.95
C ASN B 107 17.49 14.19 -26.55
N PRO B 108 18.49 14.66 -27.31
CA PRO B 108 19.24 15.86 -26.90
C PRO B 108 18.41 17.14 -26.98
N ASP B 109 17.31 17.11 -27.71
CA ASP B 109 16.48 18.30 -27.86
C ASP B 109 15.52 18.52 -26.69
N ILE B 110 15.30 17.50 -25.88
CA ILE B 110 14.31 17.58 -24.80
C ILE B 110 14.89 18.18 -23.52
N THR B 111 14.23 19.21 -23.00
CA THR B 111 14.72 19.80 -21.75
CA THR B 111 14.64 19.91 -21.78
C THR B 111 13.85 19.45 -20.57
N CYS B 112 12.65 18.96 -20.82
CA CYS B 112 11.72 18.59 -19.76
C CYS B 112 11.01 17.31 -20.16
N ILE B 113 11.01 16.34 -19.24
CA ILE B 113 10.33 15.07 -19.40
C ILE B 113 9.15 15.06 -18.44
N MET B 114 7.95 15.01 -19.00
CA MET B 114 6.71 15.21 -18.26
C MET B 114 5.83 13.97 -18.34
N SER B 115 5.37 13.51 -17.19
CA SER B 115 4.41 12.41 -17.15
C SER B 115 3.09 12.79 -17.85
N THR B 116 2.49 11.87 -18.58
CA THR B 116 1.12 12.12 -19.06
C THR B 116 0.08 12.01 -17.94
N ILE B 117 0.25 11.01 -17.07
CA ILE B 117 -0.68 10.71 -15.99
C ILE B 117 -0.05 9.63 -15.15
N GLY B 118 -0.57 9.40 -13.94
CA GLY B 118 -0.10 8.36 -13.06
C GLY B 118 -0.79 7.02 -13.30
N GLY B 119 -1.27 6.42 -12.22
CA GLY B 119 -1.80 5.08 -12.25
C GLY B 119 -1.37 4.31 -11.01
N ASP B 120 -0.64 3.22 -11.20
CA ASP B 120 -0.26 2.33 -10.12
C ASP B 120 1.09 1.68 -10.31
N ASN B 121 1.67 1.79 -11.50
CA ASN B 121 2.68 0.83 -11.93
C ASN B 121 4.06 1.37 -12.28
N SER B 122 4.34 2.63 -11.98
CA SER B 122 5.63 3.13 -12.39
CA SER B 122 5.63 3.23 -12.31
C SER B 122 6.78 2.53 -11.58
N ASN B 123 6.51 2.05 -10.35
CA ASN B 123 7.58 1.43 -9.59
C ASN B 123 8.20 0.24 -10.32
N SER B 124 7.44 -0.41 -11.18
CA SER B 124 7.97 -1.55 -11.95
C SER B 124 9.16 -1.18 -12.80
N LEU B 125 9.21 0.08 -13.26
CA LEU B 125 10.26 0.50 -14.20
C LEU B 125 11.62 0.66 -13.57
N LEU B 126 11.66 0.79 -12.24
CA LEU B 126 12.87 1.26 -11.59
C LEU B 126 14.16 0.46 -11.84
N PRO B 127 14.08 -0.88 -11.97
CA PRO B 127 15.33 -1.60 -12.24
C PRO B 127 15.88 -1.33 -13.64
N PHE B 128 15.06 -0.74 -14.50
CA PHE B 128 15.36 -0.67 -15.93
C PHE B 128 15.59 0.75 -16.43
N LEU B 129 15.46 1.75 -15.58
CA LEU B 129 15.75 3.11 -16.01
C LEU B 129 17.25 3.34 -16.18
N ASP B 130 17.59 4.20 -17.12
CA ASP B 130 19.00 4.46 -17.39
C ASP B 130 19.51 5.61 -16.52
N TYR B 131 19.84 5.29 -15.27
CA TYR B 131 20.29 6.29 -14.31
C TYR B 131 21.59 6.96 -14.75
N ASP B 132 22.47 6.20 -15.39
CA ASP B 132 23.73 6.78 -15.86
C ASP B 132 23.47 7.83 -16.94
N ALA B 133 22.51 7.56 -17.83
CA ALA B 133 22.17 8.54 -18.86
C ALA B 133 21.55 9.80 -18.25
N ILE B 134 20.75 9.60 -17.20
CA ILE B 134 20.16 10.74 -16.50
C ILE B 134 21.27 11.61 -15.88
N ILE B 135 22.26 10.98 -15.28
CA ILE B 135 23.37 11.73 -14.69
C ILE B 135 24.14 12.49 -15.77
N ALA B 136 24.35 11.82 -16.90
CA ALA B 136 25.13 12.41 -18.00
C ALA B 136 24.41 13.57 -18.67
N ASN B 137 23.07 13.58 -18.61
CA ASN B 137 22.29 14.60 -19.28
C ASN B 137 21.08 14.96 -18.46
N PRO B 138 21.29 15.68 -17.36
CA PRO B 138 20.16 15.97 -16.45
C PRO B 138 19.12 16.83 -17.13
N LYS B 139 17.86 16.48 -16.92
CA LYS B 139 16.73 17.22 -17.46
C LYS B 139 15.71 17.41 -16.35
N ILE B 140 14.77 18.32 -16.58
CA ILE B 140 13.64 18.49 -15.68
C ILE B 140 12.72 17.31 -15.82
N ILE B 141 12.49 16.57 -14.74
CA ILE B 141 11.58 15.45 -14.74
C ILE B 141 10.44 15.83 -13.80
N ILE B 142 9.21 15.77 -14.30
CA ILE B 142 8.07 16.32 -13.57
C ILE B 142 6.82 15.45 -13.74
N GLY B 143 6.10 15.31 -12.64
CA GLY B 143 4.82 14.63 -12.60
C GLY B 143 4.41 14.49 -11.15
N TYR B 144 3.41 13.66 -10.89
CA TYR B 144 2.97 13.48 -9.51
C TYR B 144 2.25 12.14 -9.37
N ALA B 145 1.68 11.92 -8.20
CA ALA B 145 0.85 10.73 -7.97
C ALA B 145 1.70 9.47 -8.09
N ASP B 146 1.27 8.49 -8.88
CA ASP B 146 2.06 7.27 -9.03
C ASP B 146 3.48 7.55 -9.52
N THR B 147 3.65 8.63 -10.28
CA THR B 147 4.97 8.94 -10.82
C THR B 147 5.99 9.27 -9.73
N THR B 148 5.51 9.51 -8.51
CA THR B 148 6.38 9.60 -7.33
C THR B 148 7.42 8.50 -7.32
N ALA B 149 7.05 7.28 -7.70
CA ALA B 149 8.03 6.19 -7.66
C ALA B 149 9.25 6.53 -8.50
N LEU B 150 9.03 7.12 -9.68
CA LEU B 150 10.13 7.53 -10.53
C LEU B 150 10.85 8.75 -9.99
N LEU B 151 10.12 9.75 -9.51
CA LEU B 151 10.77 10.95 -9.01
C LEU B 151 11.69 10.61 -7.85
N ALA B 152 11.18 9.82 -6.93
CA ALA B 152 11.94 9.42 -5.75
C ALA B 152 13.08 8.48 -6.13
N GLY B 153 12.79 7.51 -6.99
CA GLY B 153 13.80 6.54 -7.37
C GLY B 153 14.96 7.16 -8.12
N ILE B 154 14.64 8.09 -9.02
CA ILE B 154 15.67 8.80 -9.75
C ILE B 154 16.53 9.64 -8.79
N TYR B 155 15.89 10.33 -7.84
CA TYR B 155 16.64 11.09 -6.87
C TYR B 155 17.55 10.17 -6.05
N ALA B 156 17.03 9.04 -5.62
CA ALA B 156 17.81 8.10 -4.82
C ALA B 156 19.06 7.63 -5.54
N LYS B 157 18.93 7.38 -6.85
CA LYS B 157 20.03 6.81 -7.62
C LYS B 157 21.00 7.84 -8.18
N THR B 158 20.55 9.08 -8.36
CA THR B 158 21.35 10.06 -9.09
C THR B 158 21.57 11.38 -8.37
N GLY B 159 20.75 11.68 -7.37
CA GLY B 159 20.81 12.98 -6.73
C GLY B 159 20.15 14.10 -7.53
N LEU B 160 19.54 13.77 -8.66
CA LEU B 160 18.87 14.79 -9.47
C LEU B 160 17.67 15.38 -8.75
N ILE B 161 17.60 16.71 -8.76
CA ILE B 161 16.43 17.40 -8.25
C ILE B 161 15.32 17.33 -9.29
N THR B 162 14.30 16.57 -8.97
CA THR B 162 13.11 16.37 -9.80
C THR B 162 11.94 17.16 -9.21
N PHE B 163 10.80 17.14 -9.89
CA PHE B 163 9.71 18.07 -9.55
C PHE B 163 8.39 17.36 -9.35
N TYR B 164 7.78 17.63 -8.21
CA TYR B 164 6.40 17.23 -7.95
C TYR B 164 5.54 18.32 -8.56
N GLY B 165 4.83 18.01 -9.63
CA GLY B 165 4.11 19.04 -10.35
C GLY B 165 3.31 18.46 -11.48
N PRO B 166 2.89 19.33 -12.41
CA PRO B 166 1.94 18.96 -13.45
C PRO B 166 2.29 17.72 -14.26
N ALA B 167 1.26 16.90 -14.48
CA ALA B 167 1.29 15.89 -15.52
C ALA B 167 0.39 16.38 -16.66
N LEU B 168 0.73 16.01 -17.89
CA LEU B 168 0.11 16.62 -19.07
C LEU B 168 -1.41 16.53 -19.06
N ILE B 169 -1.92 15.34 -18.80
CA ILE B 169 -3.36 15.10 -18.94
C ILE B 169 -4.18 15.69 -17.78
N PRO B 170 -3.93 15.25 -16.53
CA PRO B 170 -4.77 15.82 -15.46
C PRO B 170 -4.50 17.30 -15.24
N SER B 171 -3.27 17.74 -15.35
CA SER B 171 -2.94 19.11 -14.95
C SER B 171 -3.16 20.12 -16.06
N PHE B 172 -2.67 19.83 -17.26
CA PHE B 172 -2.77 20.80 -18.35
C PHE B 172 -3.98 20.58 -19.25
N GLY B 173 -4.70 19.48 -19.06
CA GLY B 173 -5.98 19.28 -19.72
C GLY B 173 -7.15 19.84 -18.94
N GLU B 174 -6.87 20.39 -17.77
CA GLU B 174 -7.87 21.06 -16.94
C GLU B 174 -8.37 22.30 -17.68
N HIS B 175 -9.67 22.57 -17.57
CA HIS B 175 -10.21 23.80 -18.16
C HIS B 175 -9.78 25.03 -17.40
N PRO B 176 -9.68 26.18 -18.09
CA PRO B 176 -9.57 27.44 -17.36
C PRO B 176 -10.78 27.55 -16.45
N PRO B 177 -10.67 28.32 -15.34
CA PRO B 177 -9.53 29.17 -15.01
C PRO B 177 -8.41 28.47 -14.24
N LEU B 178 -8.68 27.30 -13.67
CA LEU B 178 -7.71 26.69 -12.77
C LEU B 178 -6.40 26.31 -13.45
N VAL B 179 -6.47 25.87 -14.70
CA VAL B 179 -5.27 25.48 -15.42
C VAL B 179 -4.29 26.65 -15.53
N ASP B 180 -4.82 27.87 -15.60
CA ASP B 180 -3.95 29.03 -15.74
C ASP B 180 -3.09 29.26 -14.50
N ILE B 181 -3.64 28.96 -13.33
CA ILE B 181 -2.91 29.12 -12.09
C ILE B 181 -1.85 28.02 -11.96
N THR B 182 -2.20 26.80 -12.35
CA THR B 182 -1.23 25.72 -12.42
C THR B 182 -0.07 26.10 -13.34
N TYR B 183 -0.40 26.62 -14.52
CA TYR B 183 0.63 26.97 -15.46
C TYR B 183 1.54 28.09 -14.93
N GLU B 184 0.94 29.09 -14.29
CA GLU B 184 1.72 30.20 -13.75
CA GLU B 184 1.71 30.19 -13.74
C GLU B 184 2.79 29.69 -12.76
N SER B 185 2.45 28.72 -11.92
CA SER B 185 3.44 28.17 -10.99
C SER B 185 4.53 27.39 -11.73
N PHE B 186 4.10 26.53 -12.65
CA PHE B 186 5.00 25.74 -13.46
C PHE B 186 6.05 26.62 -14.14
N ILE B 187 5.60 27.65 -14.82
CA ILE B 187 6.52 28.48 -15.60
C ILE B 187 7.38 29.34 -14.68
N LYS B 188 6.82 29.83 -13.58
CA LYS B 188 7.59 30.64 -12.66
C LYS B 188 8.73 29.82 -12.06
N ILE B 189 8.40 28.65 -11.52
CA ILE B 189 9.40 27.84 -10.83
C ILE B 189 10.50 27.39 -11.79
N LEU B 190 10.11 26.97 -12.98
CA LEU B 190 11.07 26.34 -13.87
C LEU B 190 11.88 27.32 -14.72
N THR B 191 11.43 28.56 -14.85
CA THR B 191 12.14 29.54 -15.67
C THR B 191 12.83 30.67 -14.90
N ARG B 192 12.46 30.88 -13.64
CA ARG B 192 13.01 32.01 -12.89
C ARG B 192 14.52 31.93 -12.71
N LYS B 193 15.15 33.10 -12.59
CA LYS B 193 16.56 33.15 -12.22
C LYS B 193 16.74 32.57 -10.83
N GLN B 194 17.84 31.86 -10.64
CA GLN B 194 18.12 31.21 -9.37
C GLN B 194 18.91 32.16 -8.47
N SER B 195 18.24 33.22 -8.01
CA SER B 195 18.86 34.14 -7.06
C SER B 195 17.83 34.54 -6.02
N GLY B 196 18.23 34.46 -4.76
CA GLY B 196 17.31 34.73 -3.67
C GLY B 196 16.31 33.60 -3.55
N ILE B 197 15.63 33.59 -2.41
CA ILE B 197 14.63 32.58 -2.15
C ILE B 197 13.43 32.82 -3.04
N TYR B 198 12.62 31.78 -3.22
CA TYR B 198 11.36 31.90 -3.90
C TYR B 198 10.23 31.60 -2.92
N THR B 199 9.32 32.56 -2.71
CA THR B 199 8.19 32.37 -1.82
C THR B 199 6.93 32.11 -2.60
N TYR B 200 6.28 30.98 -2.30
CA TYR B 200 5.06 30.61 -3.00
C TYR B 200 3.92 31.59 -2.80
N THR B 201 3.13 31.79 -3.85
CA THR B 201 1.86 32.47 -3.72
C THR B 201 0.73 31.46 -3.64
N LEU B 202 -0.05 31.58 -2.57
CA LEU B 202 -1.22 30.76 -2.30
C LEU B 202 -2.36 30.98 -3.29
N PRO B 203 -2.82 29.91 -3.97
CA PRO B 203 -4.01 30.09 -4.81
C PRO B 203 -5.20 30.60 -4.00
N GLU B 204 -5.95 31.54 -4.56
CA GLU B 204 -7.07 32.11 -3.84
C GLU B 204 -8.22 31.12 -3.68
N LYS B 205 -8.45 30.32 -4.71
CA LYS B 205 -9.50 29.32 -4.69
C LYS B 205 -9.00 28.02 -5.30
N TRP B 206 -9.67 26.93 -4.95
CA TRP B 206 -9.26 25.61 -5.42
C TRP B 206 -10.50 24.73 -5.56
N SER B 207 -10.33 23.57 -6.21
CA SER B 207 -11.40 22.60 -6.26
C SER B 207 -10.86 21.18 -6.31
N ASP B 208 -11.69 20.25 -5.83
CA ASP B 208 -11.44 18.83 -6.05
C ASP B 208 -12.65 18.15 -6.71
N GLU B 209 -13.58 18.95 -7.25
CA GLU B 209 -14.82 18.38 -7.79
C GLU B 209 -14.55 17.47 -8.98
N SER B 210 -15.18 16.30 -8.97
CA SER B 210 -14.97 15.31 -10.01
C SER B 210 -15.95 15.51 -11.16
N ILE B 211 -15.74 16.57 -11.94
CA ILE B 211 -16.48 16.82 -13.16
C ILE B 211 -15.54 17.35 -14.23
N ASN B 212 -16.03 17.42 -15.46
CA ASN B 212 -15.27 18.00 -16.56
C ASN B 212 -13.92 17.31 -16.75
N TRP B 213 -13.94 15.98 -16.71
CA TRP B 213 -12.70 15.22 -16.87
C TRP B 213 -12.34 15.06 -18.35
N ASN B 214 -13.09 14.24 -19.07
CA ASN B 214 -12.75 13.91 -20.46
C ASN B 214 -13.89 14.25 -21.42
N GLU B 215 -14.90 14.95 -20.91
CA GLU B 215 -15.97 15.45 -21.76
C GLU B 215 -15.44 16.57 -22.66
N ASN B 216 -16.08 16.78 -23.80
CA ASN B 216 -15.61 17.82 -24.71
C ASN B 216 -16.10 19.23 -24.36
N LYS B 217 -17.35 19.35 -23.93
CA LYS B 217 -17.79 20.62 -23.39
C LYS B 217 -18.00 20.54 -21.88
N ILE B 218 -17.99 21.70 -21.23
CA ILE B 218 -18.11 21.73 -19.78
C ILE B 218 -19.57 21.83 -19.34
N LEU B 219 -19.97 20.97 -18.42
CA LEU B 219 -21.30 21.01 -17.85
C LEU B 219 -21.52 22.39 -17.23
N ARG B 220 -20.48 22.87 -16.56
CA ARG B 220 -20.49 24.13 -15.82
C ARG B 220 -19.12 24.24 -15.19
N PRO B 221 -18.78 25.41 -14.64
CA PRO B 221 -17.49 25.51 -13.95
C PRO B 221 -17.48 24.65 -12.68
N LYS B 222 -16.30 24.17 -12.27
CA LYS B 222 -16.19 23.47 -11.00
C LYS B 222 -16.54 24.39 -9.84
N LYS B 223 -17.12 23.81 -8.79
CA LYS B 223 -17.30 24.53 -7.54
C LYS B 223 -15.95 24.97 -7.00
N LEU B 224 -15.86 26.21 -6.54
CA LEU B 224 -14.61 26.74 -6.03
C LEU B 224 -14.69 26.98 -4.52
N TYR B 225 -13.64 26.60 -3.82
CA TYR B 225 -13.56 26.76 -2.39
C TYR B 225 -12.47 27.77 -2.04
N LYS B 226 -12.70 28.56 -1.01
CA LYS B 226 -11.66 29.43 -0.51
C LYS B 226 -10.53 28.57 0.01
N ASN B 227 -9.30 29.08 -0.10
CA ASN B 227 -8.16 28.32 0.37
C ASN B 227 -8.11 28.23 1.89
N ASN B 228 -8.26 27.01 2.41
CA ASN B 228 -8.33 26.77 3.84
C ASN B 228 -7.04 26.18 4.41
N CYS B 229 -5.95 26.37 3.69
CA CYS B 229 -4.67 25.87 4.12
C CYS B 229 -4.29 26.46 5.49
N ALA B 230 -3.69 25.66 6.37
CA ALA B 230 -3.44 26.08 7.74
C ALA B 230 -2.00 25.79 8.14
N PHE B 231 -1.43 26.68 8.94
CA PHE B 231 -0.07 26.52 9.42
C PHE B 231 -0.12 26.21 10.91
N TYR B 232 0.11 24.95 11.27
CA TYR B 232 0.06 24.55 12.68
C TYR B 232 1.46 24.50 13.25
N GLY B 233 1.85 25.54 13.94
CA GLY B 233 3.18 25.59 14.53
C GLY B 233 3.60 27.02 14.71
N SER B 234 4.83 27.20 15.15
CA SER B 234 5.39 28.53 15.30
C SER B 234 6.84 28.58 14.85
N GLY B 235 7.35 29.78 14.66
CA GLY B 235 8.71 29.96 14.20
C GLY B 235 8.88 29.57 12.75
N LYS B 236 10.13 29.37 12.37
CA LYS B 236 10.48 29.03 11.00
C LYS B 236 11.23 27.71 11.02
N VAL B 237 10.93 26.84 10.05
CA VAL B 237 11.59 25.56 9.92
C VAL B 237 12.17 25.48 8.52
N GLU B 238 13.45 25.14 8.43
CA GLU B 238 14.11 25.01 7.14
C GLU B 238 14.78 23.64 7.06
N GLY B 239 14.50 22.91 5.98
CA GLY B 239 15.12 21.61 5.80
C GLY B 239 14.83 21.08 4.42
N ARG B 240 15.57 20.04 4.03
CA ARG B 240 15.41 19.38 2.75
C ARG B 240 14.03 18.75 2.66
N VAL B 241 13.30 19.04 1.58
CA VAL B 241 11.99 18.42 1.39
C VAL B 241 12.12 17.09 0.67
N ILE B 242 11.37 16.12 1.15
CA ILE B 242 11.40 14.76 0.60
C ILE B 242 10.00 14.20 0.69
N GLY B 243 9.62 13.40 -0.30
CA GLY B 243 8.33 12.72 -0.25
C GLY B 243 7.62 12.67 -1.57
N GLY B 244 6.32 12.92 -1.54
CA GLY B 244 5.47 12.81 -2.70
C GLY B 244 4.15 12.16 -2.35
N ASN B 245 3.62 11.35 -3.27
CA ASN B 245 2.37 10.66 -3.02
C ASN B 245 2.63 9.51 -2.04
N LEU B 246 2.03 9.56 -0.86
CA LEU B 246 2.40 8.63 0.19
C LEU B 246 2.02 7.19 -0.11
N ASN B 247 0.81 6.99 -0.63
CA ASN B 247 0.43 5.63 -0.99
C ASN B 247 1.42 5.05 -1.99
N THR B 248 1.87 5.85 -2.94
CA THR B 248 2.81 5.37 -3.95
C THR B 248 4.16 5.00 -3.34
N LEU B 249 4.57 5.71 -2.30
CA LEU B 249 5.85 5.41 -1.67
C LEU B 249 5.90 3.97 -1.13
N THR B 250 4.75 3.42 -0.79
CA THR B 250 4.73 2.04 -0.30
C THR B 250 5.28 1.05 -1.34
N GLY B 251 5.26 1.42 -2.62
CA GLY B 251 5.73 0.53 -3.66
C GLY B 251 7.24 0.51 -3.83
N ILE B 252 7.93 1.44 -3.18
CA ILE B 252 9.40 1.50 -3.27
C ILE B 252 10.04 1.41 -1.88
N TRP B 253 9.22 1.45 -0.85
CA TRP B 253 9.68 1.50 0.53
C TRP B 253 10.61 0.31 0.84
N GLY B 254 11.67 0.60 1.58
CA GLY B 254 12.62 -0.43 1.99
C GLY B 254 13.69 -0.71 0.96
N SER B 255 13.50 -0.25 -0.28
CA SER B 255 14.43 -0.57 -1.36
C SER B 255 15.48 0.52 -1.54
N GLU B 256 16.46 0.23 -2.37
CA GLU B 256 17.50 1.20 -2.69
C GLU B 256 16.96 2.40 -3.46
N TRP B 257 15.73 2.32 -3.95
CA TRP B 257 15.09 3.42 -4.67
C TRP B 257 14.30 4.35 -3.78
N MET B 258 14.15 4.01 -2.50
CA MET B 258 13.52 4.95 -1.57
C MET B 258 14.61 5.83 -0.97
N PRO B 259 14.58 7.14 -1.24
CA PRO B 259 15.60 8.00 -0.63
C PRO B 259 15.51 7.94 0.89
N GLU B 260 16.66 7.88 1.54
CA GLU B 260 16.70 7.87 2.98
C GLU B 260 16.19 9.20 3.52
N ILE B 261 15.25 9.13 4.46
CA ILE B 261 14.81 10.32 5.19
C ILE B 261 15.79 10.57 6.33
N ARG B 262 16.22 11.81 6.44
CA ARG B 262 17.28 12.16 7.38
C ARG B 262 16.81 13.19 8.39
N ASN B 263 17.47 13.20 9.54
CA ASN B 263 17.24 14.21 10.55
C ASN B 263 17.19 15.59 9.91
N GLY B 264 16.11 16.32 10.17
CA GLY B 264 15.95 17.67 9.69
C GLY B 264 15.12 17.82 8.44
N ASP B 265 14.84 16.73 7.75
CA ASP B 265 14.02 16.80 6.53
C ASP B 265 12.63 17.35 6.83
N ILE B 266 12.06 18.01 5.83
CA ILE B 266 10.65 18.33 5.80
C ILE B 266 9.95 17.26 4.98
N LEU B 267 9.02 16.54 5.57
CA LEU B 267 8.31 15.49 4.85
C LEU B 267 7.12 16.09 4.11
N PHE B 268 7.09 15.92 2.78
CA PHE B 268 5.96 16.33 1.97
C PHE B 268 5.19 15.08 1.56
N ILE B 269 3.90 15.05 1.88
CA ILE B 269 3.07 13.91 1.53
C ILE B 269 1.68 14.38 1.09
N GLU B 270 1.16 13.72 0.06
CA GLU B 270 -0.22 13.96 -0.35
C GLU B 270 -0.81 12.63 -0.79
N ASP B 271 -2.13 12.52 -0.68
CA ASP B 271 -2.86 11.36 -1.19
C ASP B 271 -4.17 11.84 -1.82
N SER B 272 -4.81 10.93 -2.54
CA SER B 272 -6.02 11.24 -3.29
C SER B 272 -7.06 10.17 -3.11
N ARG B 273 -8.30 10.60 -2.85
CA ARG B 273 -9.48 9.74 -2.86
C ARG B 273 -9.37 8.55 -1.95
N LYS B 274 -8.70 8.73 -0.81
CA LYS B 274 -8.56 7.62 0.13
C LYS B 274 -9.59 7.69 1.24
N SER B 275 -9.86 6.52 1.80
CA SER B 275 -10.61 6.45 3.05
CA SER B 275 -10.60 6.43 3.05
C SER B 275 -9.72 6.86 4.22
N ILE B 276 -10.36 7.36 5.25
CA ILE B 276 -9.69 7.66 6.49
C ILE B 276 -8.98 6.42 7.03
N ALA B 277 -9.54 5.23 6.77
CA ALA B 277 -8.88 4.00 7.20
C ALA B 277 -7.50 3.85 6.55
N THR B 278 -7.43 4.11 5.25
CA THR B 278 -6.15 4.03 4.54
C THR B 278 -5.20 5.09 5.02
N VAL B 279 -5.68 6.29 5.25
CA VAL B 279 -4.84 7.37 5.72
C VAL B 279 -4.24 7.04 7.09
N GLU B 280 -5.03 6.48 8.01
CA GLU B 280 -4.46 6.05 9.28
C GLU B 280 -3.37 5.02 9.07
N ARG B 281 -3.62 4.04 8.19
CA ARG B 281 -2.63 3.00 7.92
CA ARG B 281 -2.62 3.00 7.94
C ARG B 281 -1.31 3.58 7.43
N LEU B 282 -1.38 4.52 6.49
CA LEU B 282 -0.18 5.12 5.92
C LEU B 282 0.57 6.00 6.92
N PHE B 283 -0.16 6.77 7.72
CA PHE B 283 0.49 7.55 8.77
C PHE B 283 1.15 6.65 9.81
N SER B 284 0.49 5.57 10.20
CA SER B 284 1.11 4.64 11.13
C SER B 284 2.35 3.97 10.55
N MET B 285 2.34 3.67 9.24
CA MET B 285 3.50 3.11 8.58
C MET B 285 4.69 4.04 8.80
N LEU B 286 4.48 5.33 8.56
CA LEU B 286 5.56 6.30 8.77
C LEU B 286 6.01 6.29 10.23
N LYS B 287 5.06 6.24 11.15
CA LYS B 287 5.41 6.21 12.57
C LYS B 287 6.26 5.00 12.91
N LEU B 288 5.87 3.82 12.42
CA LEU B 288 6.60 2.60 12.72
C LEU B 288 8.02 2.67 12.19
N ASN B 289 8.18 3.38 11.08
CA ASN B 289 9.49 3.57 10.45
C ASN B 289 10.33 4.68 11.08
N ARG B 290 9.87 5.23 12.20
CA ARG B 290 10.61 6.26 12.94
C ARG B 290 10.76 7.56 12.16
N VAL B 291 9.93 7.75 11.14
CA VAL B 291 10.02 8.96 10.35
C VAL B 291 9.75 10.20 11.19
N PHE B 292 8.82 10.08 12.13
CA PHE B 292 8.40 11.24 12.88
C PHE B 292 9.42 11.62 13.96
N ASP B 293 10.45 10.80 14.15
CA ASP B 293 11.57 11.15 15.02
C ASP B 293 12.62 11.98 14.28
N LYS B 294 12.51 12.06 12.96
CA LYS B 294 13.53 12.69 12.13
C LYS B 294 13.10 14.02 11.54
N VAL B 295 11.83 14.16 11.22
CA VAL B 295 11.41 15.29 10.41
C VAL B 295 11.22 16.56 11.24
N SER B 296 11.53 17.70 10.64
CA SER B 296 11.41 18.98 11.31
C SER B 296 10.03 19.60 11.10
N ALA B 297 9.33 19.16 10.06
CA ALA B 297 7.98 19.62 9.75
C ALA B 297 7.39 18.65 8.76
N ILE B 298 6.06 18.73 8.62
CA ILE B 298 5.33 17.93 7.65
C ILE B 298 4.47 18.86 6.82
N ILE B 299 4.48 18.66 5.51
CA ILE B 299 3.56 19.33 4.61
C ILE B 299 2.55 18.30 4.13
N LEU B 300 1.27 18.52 4.42
CA LEU B 300 0.17 17.72 3.86
C LEU B 300 -0.41 18.43 2.66
N GLY B 301 -0.31 17.81 1.49
CA GLY B 301 -1.02 18.36 0.35
C GLY B 301 -2.52 18.21 0.55
N LYS B 302 -3.32 19.08 -0.05
CA LYS B 302 -4.75 18.89 0.02
C LYS B 302 -5.13 17.53 -0.52
N HIS B 303 -6.01 16.84 0.19
CA HIS B 303 -6.40 15.48 -0.15
C HIS B 303 -7.68 15.49 -0.98
N GLU B 304 -7.57 15.17 -2.27
CA GLU B 304 -8.71 15.18 -3.17
C GLU B 304 -9.81 14.23 -2.70
N LEU B 305 -11.01 14.77 -2.47
CA LEU B 305 -12.17 13.93 -2.15
C LEU B 305 -11.89 12.87 -1.08
N PHE B 306 -11.29 13.32 0.02
CA PHE B 306 -11.07 12.45 1.18
C PHE B 306 -12.39 11.89 1.70
N ASP B 307 -12.39 10.59 2.02
CA ASP B 307 -13.58 9.94 2.56
C ASP B 307 -13.42 9.70 4.05
N CYS B 308 -14.07 10.53 4.87
CA CYS B 308 -13.93 10.49 6.31
C CYS B 308 -14.81 9.43 7.00
N ALA B 309 -15.54 8.65 6.20
CA ALA B 309 -16.38 7.58 6.73
C ALA B 309 -17.45 8.08 7.69
N GLY B 310 -17.84 9.35 7.56
CA GLY B 310 -18.87 9.92 8.41
C GLY B 310 -18.36 10.49 9.72
N SER B 311 -17.06 10.34 9.98
CA SER B 311 -16.45 10.80 11.21
C SER B 311 -16.28 12.32 11.25
N LYS B 312 -16.30 12.93 10.08
CA LYS B 312 -16.05 14.36 9.92
C LYS B 312 -14.62 14.76 10.26
N ARG B 313 -13.76 13.76 10.45
CA ARG B 313 -12.36 14.03 10.76
C ARG B 313 -11.57 14.32 9.50
N ARG B 314 -10.57 15.19 9.62
CA ARG B 314 -9.67 15.46 8.51
C ARG B 314 -8.34 14.74 8.73
N PRO B 315 -7.54 14.61 7.66
CA PRO B 315 -6.26 13.89 7.81
C PRO B 315 -5.38 14.43 8.94
N TYR B 316 -5.37 15.74 9.15
CA TYR B 316 -4.56 16.29 10.22
C TYR B 316 -4.92 15.74 11.60
N GLU B 317 -6.20 15.54 11.84
CA GLU B 317 -6.63 14.98 13.13
C GLU B 317 -6.14 13.55 13.30
N VAL B 318 -6.18 12.77 12.21
CA VAL B 318 -5.65 11.41 12.25
C VAL B 318 -4.14 11.42 12.50
N LEU B 319 -3.43 12.29 11.80
CA LEU B 319 -2.00 12.44 12.03
C LEU B 319 -1.70 12.77 13.49
N THR B 320 -2.48 13.67 14.05
CA THR B 320 -2.29 14.07 15.44
C THR B 320 -2.43 12.88 16.39
N GLU B 321 -3.42 12.01 16.16
CA GLU B 321 -3.54 10.82 16.99
C GLU B 321 -2.31 9.93 16.84
N VAL B 322 -1.92 9.69 15.60
CA VAL B 322 -0.78 8.82 15.32
C VAL B 322 0.51 9.35 15.97
N LEU B 323 0.70 10.67 15.92
CA LEU B 323 1.91 11.28 16.48
C LEU B 323 2.04 11.10 17.99
N ASP B 324 0.94 10.84 18.68
CA ASP B 324 0.98 10.50 20.10
C ASP B 324 1.78 11.53 20.90
N GLY B 325 1.53 12.80 20.61
CA GLY B 325 2.09 13.88 21.41
C GLY B 325 3.30 14.57 20.81
N LYS B 326 3.90 13.97 19.78
CA LYS B 326 5.08 14.59 19.18
C LYS B 326 4.73 15.91 18.53
N GLN B 327 5.45 16.97 18.90
CA GLN B 327 5.12 18.33 18.46
C GLN B 327 5.80 18.68 17.14
N ILE B 328 5.28 18.14 16.06
CA ILE B 328 5.80 18.46 14.74
C ILE B 328 4.92 19.51 14.08
N PRO B 329 5.50 20.62 13.66
CA PRO B 329 4.67 21.61 12.96
C PRO B 329 4.23 21.10 11.59
N VAL B 330 3.02 21.45 11.21
CA VAL B 330 2.41 20.91 10.01
C VAL B 330 1.80 22.02 9.17
N LEU B 331 2.16 22.05 7.89
CA LEU B 331 1.50 22.89 6.93
C LEU B 331 0.42 22.00 6.32
N ASP B 332 -0.83 22.25 6.71
CA ASP B 332 -1.96 21.43 6.27
C ASP B 332 -2.71 22.05 5.12
N GLY B 333 -2.64 21.42 3.97
CA GLY B 333 -3.39 21.87 2.81
C GLY B 333 -2.59 22.63 1.76
N PHE B 334 -1.32 22.26 1.56
CA PHE B 334 -0.53 22.87 0.51
C PHE B 334 -1.08 22.44 -0.84
N ASP B 335 -1.12 23.39 -1.78
CA ASP B 335 -1.69 23.15 -3.09
C ASP B 335 -0.70 22.50 -4.05
N CYS B 336 -0.24 21.32 -3.67
CA CYS B 336 0.66 20.54 -4.50
C CYS B 336 0.25 19.09 -4.35
N SER B 337 -0.79 18.73 -5.08
CA SER B 337 -1.48 17.47 -4.87
C SER B 337 -2.41 17.22 -6.04
N HIS B 338 -3.45 16.43 -5.85
CA HIS B 338 -4.40 16.11 -6.91
C HIS B 338 -5.48 17.18 -7.08
N THR B 339 -5.54 18.13 -6.16
CA THR B 339 -6.50 19.22 -6.29
C THR B 339 -6.03 20.25 -7.31
N HIS B 340 -6.97 21.06 -7.82
CA HIS B 340 -6.66 22.13 -8.77
C HIS B 340 -6.86 23.49 -8.11
N PRO B 341 -5.95 24.44 -8.35
CA PRO B 341 -4.76 24.32 -9.19
C PRO B 341 -3.61 23.65 -8.42
N MET B 342 -2.55 23.31 -9.15
CA MET B 342 -1.42 22.63 -8.57
C MET B 342 -0.17 23.46 -8.73
N LEU B 343 0.57 23.63 -7.63
CA LEU B 343 1.86 24.28 -7.66
C LEU B 343 2.96 23.28 -8.02
N THR B 344 4.10 23.78 -8.49
CA THR B 344 5.26 22.96 -8.80
C THR B 344 6.29 23.05 -7.67
N LEU B 345 6.78 21.89 -7.21
CA LEU B 345 7.66 21.81 -6.04
C LEU B 345 8.92 20.98 -6.36
N PRO B 346 10.10 21.57 -6.24
CA PRO B 346 11.30 20.75 -6.38
C PRO B 346 11.45 19.83 -5.17
N LEU B 347 11.88 18.60 -5.39
CA LEU B 347 12.09 17.65 -4.31
C LEU B 347 13.58 17.44 -4.08
N GLY B 348 13.99 17.46 -2.82
CA GLY B 348 15.38 17.19 -2.49
C GLY B 348 16.21 18.42 -2.20
N VAL B 349 15.57 19.59 -2.16
CA VAL B 349 16.26 20.82 -1.79
C VAL B 349 15.60 21.42 -0.57
N LYS B 350 16.28 22.37 0.06
CA LYS B 350 15.76 23.02 1.23
C LYS B 350 14.59 23.97 0.94
N LEU B 351 13.59 23.85 1.81
CA LEU B 351 12.49 24.79 1.89
C LEU B 351 12.52 25.43 3.26
N ALA B 352 11.91 26.60 3.39
CA ALA B 352 11.69 27.22 4.69
C ALA B 352 10.21 27.48 4.84
N ILE B 353 9.62 26.93 5.89
CA ILE B 353 8.24 27.22 6.21
C ILE B 353 8.23 28.18 7.39
N ASP B 354 7.67 29.36 7.16
CA ASP B 354 7.51 30.32 8.24
C ASP B 354 6.10 30.18 8.79
N PHE B 355 5.98 29.49 9.91
CA PHE B 355 4.69 29.24 10.51
C PHE B 355 4.06 30.50 11.11
N ASP B 356 4.89 31.45 11.52
CA ASP B 356 4.36 32.68 12.08
C ASP B 356 3.79 33.60 10.99
N ASN B 357 4.49 33.68 9.86
CA ASN B 357 4.03 34.53 8.77
C ASN B 357 3.22 33.79 7.70
N LYS B 358 3.04 32.49 7.91
CA LYS B 358 2.18 31.67 7.06
C LYS B 358 2.65 31.71 5.61
N ASN B 359 3.92 31.38 5.40
CA ASN B 359 4.40 31.24 4.04
C ASN B 359 5.42 30.11 3.91
N ILE B 360 5.70 29.76 2.68
CA ILE B 360 6.62 28.68 2.39
C ILE B 360 7.49 29.08 1.20
N SER B 361 8.79 28.83 1.32
CA SER B 361 9.76 29.26 0.32
C SER B 361 10.75 28.16 -0.03
N ILE B 362 11.26 28.23 -1.25
CA ILE B 362 12.40 27.42 -1.68
C ILE B 362 13.67 28.22 -1.39
N THR B 363 14.61 27.66 -0.65
CA THR B 363 15.78 28.42 -0.24
C THR B 363 17.09 27.92 -0.82
N GLU B 364 17.05 26.82 -1.56
CA GLU B 364 18.25 26.23 -2.14
C GLU B 364 18.10 26.14 -3.65
N GLN B 365 19.18 26.44 -4.37
CA GLN B 365 19.20 26.35 -5.84
C GLN B 365 18.74 24.99 -6.32
N TYR B 366 17.87 24.97 -7.32
CA TYR B 366 17.26 23.71 -7.77
C TYR B 366 17.31 23.53 -9.29
N LEU B 367 17.83 24.51 -10.00
CA LEU B 367 18.14 24.37 -11.42
C LEU B 367 19.50 25.01 -11.65
N SER B 368 20.19 24.58 -12.69
CA SER B 368 21.57 25.01 -12.93
C SER B 368 21.60 26.48 -13.33
O6 1EG C . -19.42 -5.85 4.25
C6 1EG C . -19.00 -6.91 3.72
N1 1EG C . -19.71 -7.55 2.78
C2 1EG C . -19.28 -8.69 2.20
N2 1EG C . -20.05 -9.26 1.26
N3 1EG C . -18.11 -9.30 2.51
C5 1EG C . -17.71 -7.50 4.13
C4 1EG C . -17.32 -8.74 3.46
N7 1EG C . -16.74 -7.19 5.01
C8 1EG C . -15.80 -8.16 4.91
N9 1EG C . -16.15 -9.07 3.98
C1' 1EG C . -15.37 -10.26 3.62
O4' 1EG C . -14.53 -10.52 4.74
C2' 1EG C . -14.50 -10.01 2.40
O2' 1EG C . -14.65 -11.09 1.49
C3' 1EG C . -13.09 -10.07 2.94
O3' 1EG C . -12.39 -10.95 2.06
C4' 1EG C . -13.21 -10.74 4.29
C5' 1EG C . -12.22 -10.21 5.34
O5' 1EG C . -12.40 -8.80 5.54
SBG 1EG C . -11.24 -8.06 6.22
OAF 1EG C . -10.70 -9.00 7.18
OAG 1EG C . -11.75 -6.85 6.81
NAQ 1EG C . -10.23 -7.78 5.08
C 1EG C . -8.99 -7.24 5.20
O 1EG C . -8.44 -6.91 6.24
CA 1EG C . -8.24 -7.09 3.92
N 1EG C . -9.10 -7.33 2.77
CB 1EG C . -7.59 -5.71 3.86
CG 1EG C . -6.23 -5.77 3.21
CD 1EG C . -6.36 -5.73 1.69
OE1 1EG C . -7.41 -6.17 1.18
OE2 1EG C . -5.42 -5.28 1.04
C1 EDO D . -1.89 -13.71 -4.22
O1 EDO D . -3.24 -13.80 -3.74
C2 EDO D . -1.85 -13.33 -5.70
O2 EDO D . -2.26 -11.96 -5.83
C1 EDO E . 16.32 -5.44 -7.10
O1 EDO E . 17.74 -5.23 -7.21
C2 EDO E . 15.63 -4.94 -8.37
O2 EDO E . 16.16 -5.61 -9.52
C1 EDO F . 12.64 -7.53 4.97
O1 EDO F . 13.74 -8.43 4.75
C2 EDO F . 11.83 -7.44 3.69
O2 EDO F . 12.62 -6.89 2.63
C1 EDO G . 5.53 -31.16 14.26
O1 EDO G . 4.17 -30.88 14.60
C2 EDO G . 5.86 -30.46 12.96
O2 EDO G . 4.94 -30.84 11.95
O6 1EG H . -12.70 9.40 -15.09
C6 1EG H . -12.20 10.27 -14.35
N1 1EG H . -12.97 11.24 -13.81
C2 1EG H . -12.47 12.20 -13.01
N2 1EG H . -13.30 13.15 -12.51
N3 1EG H . -11.16 12.27 -12.69
C5 1EG H . -10.74 10.28 -14.04
C4 1EG H . -10.28 11.35 -13.16
N7 1EG H . -9.67 9.53 -14.35
C8 1EG H . -8.59 10.10 -13.73
N9 1EG H . -8.98 11.17 -13.01
C1' 1EG H . -8.13 12.07 -12.19
O4' 1EG H . -6.77 12.10 -12.62
C2' 1EG H . -8.11 11.60 -10.74
O2' 1EG H . -9.10 12.31 -10.00
C3' 1EG H . -6.72 11.94 -10.26
O3' 1EG H . -6.82 13.02 -9.32
C4' 1EG H . -5.95 12.39 -11.49
C5' 1EG H . -4.62 11.69 -11.64
O5' 1EG H . -4.79 10.28 -11.74
SBG 1EG H . -3.52 9.46 -11.55
OAF 1EG H . -3.56 8.26 -12.35
OAG 1EG H . -2.48 10.36 -12.00
NAQ 1EG H . -3.44 9.17 -10.03
C 1EG H . -2.52 8.43 -9.37
O 1EG H . -1.53 7.89 -9.85
CA 1EG H . -2.69 8.29 -7.89
N 1EG H . -4.09 8.41 -7.56
CB 1EG H . -2.16 6.93 -7.47
CG 1EG H . -1.72 6.92 -6.00
CD 1EG H . -2.92 6.74 -5.10
OE1 1EG H . -3.97 7.36 -5.37
OE2 1EG H . -2.83 5.96 -4.13
C1 EDO I . -3.00 11.04 20.39
O1 EDO I . -2.42 12.23 20.93
C2 EDO I . -2.55 9.82 21.19
O2 EDO I . -3.12 9.86 22.50
C1 EDO J . -2.36 14.28 2.53
O1 EDO J . -3.09 14.52 1.33
C2 EDO J . -3.30 13.94 3.69
O2 EDO J . -3.95 12.68 3.46
C1 EDO K . 7.22 3.56 16.73
O1 EDO K . 6.86 4.40 17.83
C2 EDO K . 8.61 3.91 16.23
O2 EDO K . 9.56 3.74 17.28
C1 EDO L . 12.25 5.90 5.04
O1 EDO L . 12.17 5.27 6.33
C2 EDO L . 13.69 5.94 4.56
O2 EDO L . 14.49 6.63 5.53
#